data_5F1Y
#
_entry.id   5F1Y
#
_cell.length_a   71.324
_cell.length_b   54.721
_cell.length_c   86.260
_cell.angle_alpha   90.00
_cell.angle_beta   91.94
_cell.angle_gamma   90.00
#
_symmetry.space_group_name_H-M   'P 1 21 1'
#
loop_
_entity.id
_entity.type
_entity.pdbx_description
1 polymer 'MccC family protein'
2 non-polymer GLYCEROL
3 water water
#
_entity_poly.entity_id   1
_entity_poly.type   'polypeptide(L)'
_entity_poly.pdbx_seq_one_letter_code
;(MSE)LIKPKRLQAGDIVATVSPSWGGAGDSEIRWRYEQGVKRLEEVFGLTVVP(MSE)PNSLKGSEFIYNNPQARAEDL
(MSE)TAFQDTRVKAIIANIGGQDSIRLLPYIDFNAIRENPKIF(MSE)GYADVTISHLFCHKAGLSSFYGPAILTDFAE
NVE(MSE)DPYTVE(MSE)VNRTLFSNE(MSE)IGEIQPAPEWTSERLEWIEINKDTRRT(MSE)QQNNGYELLQGSTTV
QGRLIGGCIEVLEFAKGTELWPEKKHWEDSILFFETSEDHPEPSYIKYWLRNYAAQGILQKAKGIIFGKPKDE(MSE)YY
EEYKHEILQV(MSE)KEHNLEDLPILYNLNFGHTEPKFILPYGS(MSE)AEIDCENGSFSILESGVE
;
_entity_poly.pdbx_strand_id   A,B
#
loop_
_chem_comp.id
_chem_comp.type
_chem_comp.name
_chem_comp.formula
GOL non-polymer GLYCEROL 'C3 H8 O3'
#
# COMPACT_ATOMS: atom_id res chain seq x y z
N MSE A 1 3.08 -16.44 20.09
CA MSE A 1 4.04 -17.55 20.09
C MSE A 1 3.86 -18.44 18.87
O MSE A 1 2.74 -18.71 18.43
CB MSE A 1 3.89 -18.39 21.37
CG MSE A 1 4.73 -17.91 22.54
SE MSE A 1 6.67 -17.98 22.21
CE MSE A 1 7.23 -16.50 23.36
N LEU A 2 4.98 -18.92 18.33
CA LEU A 2 4.96 -19.78 17.14
C LEU A 2 5.65 -21.11 17.39
N ILE A 3 5.12 -22.16 16.77
CA ILE A 3 5.69 -23.50 16.86
C ILE A 3 6.98 -23.61 16.06
N LYS A 4 8.01 -24.15 16.69
CA LYS A 4 9.30 -24.37 16.04
C LYS A 4 9.39 -25.80 15.48
N PRO A 5 9.69 -25.93 14.18
CA PRO A 5 9.70 -27.24 13.52
C PRO A 5 10.97 -28.04 13.79
N LYS A 6 10.90 -29.35 13.57
CA LYS A 6 12.04 -30.26 13.80
C LYS A 6 13.15 -30.01 12.79
N ARG A 7 14.38 -30.27 13.21
CA ARG A 7 15.53 -29.98 12.36
C ARG A 7 15.64 -30.90 11.14
N LEU A 8 16.44 -30.48 10.19
CA LEU A 8 16.67 -31.23 8.97
C LEU A 8 17.95 -32.09 9.13
N GLN A 9 17.99 -33.23 8.46
CA GLN A 9 19.20 -34.05 8.43
C GLN A 9 19.28 -34.83 7.12
N ALA A 10 20.45 -35.37 6.83
CA ALA A 10 20.68 -36.09 5.58
C ALA A 10 19.71 -37.24 5.38
N GLY A 11 19.17 -37.35 4.17
CA GLY A 11 18.22 -38.40 3.84
C GLY A 11 16.78 -37.93 3.84
N ASP A 12 16.54 -36.77 4.46
CA ASP A 12 15.18 -36.24 4.59
C ASP A 12 14.63 -35.76 3.25
N ILE A 13 13.32 -35.91 3.08
CA ILE A 13 12.63 -35.49 1.86
C ILE A 13 12.19 -34.02 1.93
N VAL A 14 12.55 -33.26 0.91
CA VAL A 14 12.24 -31.84 0.80
C VAL A 14 11.37 -31.59 -0.43
N ALA A 15 10.28 -30.85 -0.26
CA ALA A 15 9.37 -30.54 -1.36
C ALA A 15 9.66 -29.15 -1.93
N THR A 16 9.63 -29.05 -3.26
CA THR A 16 9.71 -27.74 -3.89
C THR A 16 8.34 -27.35 -4.41
N VAL A 17 8.03 -26.07 -4.31
CA VAL A 17 6.72 -25.55 -4.68
C VAL A 17 6.87 -24.23 -5.45
N SER A 18 5.87 -23.91 -6.25
CA SER A 18 5.85 -22.63 -6.95
C SER A 18 4.60 -21.84 -6.54
N PRO A 19 4.64 -21.18 -5.38
CA PRO A 19 3.46 -20.44 -4.92
C PRO A 19 3.29 -19.08 -5.61
N SER A 20 4.31 -18.62 -6.34
CA SER A 20 4.21 -17.35 -7.07
C SER A 20 4.42 -17.56 -8.57
N TRP A 21 5.56 -17.11 -9.08
CA TRP A 21 5.86 -17.29 -10.49
C TRP A 21 6.12 -18.76 -10.80
N GLY A 22 5.52 -19.27 -11.88
CA GLY A 22 5.64 -20.68 -12.20
C GLY A 22 6.72 -21.01 -13.22
N GLY A 23 7.73 -20.14 -13.31
CA GLY A 23 8.75 -20.29 -14.33
C GLY A 23 9.63 -21.53 -14.22
N ALA A 24 9.69 -22.14 -13.03
CA ALA A 24 10.61 -23.26 -12.79
C ALA A 24 10.43 -24.40 -13.79
N GLY A 25 9.19 -24.67 -14.18
CA GLY A 25 8.90 -25.75 -15.10
C GLY A 25 8.98 -25.39 -16.57
N ASP A 26 9.17 -24.11 -16.88
CA ASP A 26 9.28 -23.66 -18.28
C ASP A 26 10.49 -24.30 -18.95
N SER A 27 10.35 -24.63 -20.22
CA SER A 27 11.34 -25.43 -20.93
C SER A 27 12.76 -24.84 -20.92
N GLU A 28 12.87 -23.53 -21.02
CA GLU A 28 14.19 -22.90 -21.10
C GLU A 28 14.76 -22.54 -19.70
N ILE A 29 13.99 -22.85 -18.65
CA ILE A 29 14.36 -22.53 -17.26
C ILE A 29 14.58 -23.81 -16.45
N ARG A 30 13.96 -24.90 -16.88
CA ARG A 30 13.97 -26.19 -16.19
C ARG A 30 15.37 -26.64 -15.77
N TRP A 31 16.36 -26.38 -16.62
CA TRP A 31 17.76 -26.70 -16.32
C TRP A 31 18.20 -26.02 -15.01
N ARG A 32 17.70 -24.82 -14.76
CA ARG A 32 18.11 -24.04 -13.59
C ARG A 32 17.54 -24.66 -12.32
N TYR A 33 16.29 -25.12 -12.41
CA TYR A 33 15.64 -25.83 -11.31
C TYR A 33 16.43 -27.09 -10.99
N GLU A 34 16.77 -27.85 -12.03
CA GLU A 34 17.50 -29.09 -11.83
C GLU A 34 18.87 -28.82 -11.21
N GLN A 35 19.50 -27.71 -11.57
CA GLN A 35 20.79 -27.33 -10.98
C GLN A 35 20.66 -27.05 -9.47
N GLY A 36 19.64 -26.28 -9.09
CA GLY A 36 19.35 -26.01 -7.69
C GLY A 36 19.03 -27.25 -6.87
N VAL A 37 18.22 -28.14 -7.44
CA VAL A 37 17.91 -29.43 -6.81
C VAL A 37 19.18 -30.29 -6.59
N LYS A 38 20.07 -30.29 -7.57
CA LYS A 38 21.33 -31.04 -7.48
C LYS A 38 22.18 -30.59 -6.28
N ARG A 39 22.18 -29.29 -6.01
CA ARG A 39 22.90 -28.75 -4.86
C ARG A 39 22.27 -29.24 -3.55
N LEU A 40 20.94 -29.20 -3.47
CA LEU A 40 20.23 -29.70 -2.30
C LEU A 40 20.60 -31.16 -2.02
N GLU A 41 20.71 -31.93 -3.09
CA GLU A 41 21.05 -33.34 -2.99
C GLU A 41 22.51 -33.54 -2.57
N GLU A 42 23.43 -32.84 -3.23
CA GLU A 42 24.86 -33.11 -3.07
C GLU A 42 25.54 -32.32 -1.97
N VAL A 43 25.05 -31.12 -1.67
CA VAL A 43 25.67 -30.29 -0.66
C VAL A 43 25.11 -30.59 0.73
N PHE A 44 23.80 -30.87 0.81
CA PHE A 44 23.13 -31.10 2.09
C PHE A 44 22.61 -32.52 2.26
N GLY A 45 22.76 -33.35 1.24
CA GLY A 45 22.35 -34.74 1.33
C GLY A 45 20.86 -34.98 1.44
N LEU A 46 20.06 -34.12 0.82
CA LEU A 46 18.60 -34.23 0.91
C LEU A 46 18.02 -34.93 -0.32
N THR A 47 16.81 -35.45 -0.18
CA THR A 47 16.06 -35.98 -1.31
C THR A 47 14.99 -34.97 -1.72
N VAL A 48 14.95 -34.59 -3.00
CA VAL A 48 14.10 -33.48 -3.43
C VAL A 48 12.96 -33.94 -4.35
N VAL A 49 11.73 -33.57 -3.98
CA VAL A 49 10.55 -33.93 -4.75
C VAL A 49 9.72 -32.71 -5.15
N PRO A 50 9.38 -32.60 -6.44
CA PRO A 50 8.50 -31.50 -6.87
C PRO A 50 7.03 -31.83 -6.58
N MSE A 51 6.27 -30.86 -6.08
CA MSE A 51 4.85 -31.07 -5.87
C MSE A 51 4.11 -31.13 -7.24
O MSE A 51 4.60 -30.60 -8.23
CB MSE A 51 4.29 -29.96 -4.98
CG MSE A 51 4.71 -30.09 -3.51
SE MSE A 51 4.28 -31.81 -2.70
CE MSE A 51 5.92 -32.82 -3.06
N PRO A 52 2.96 -31.82 -7.27
CA PRO A 52 2.24 -32.17 -8.50
C PRO A 52 2.12 -31.04 -9.56
N ASN A 53 1.76 -29.83 -9.14
CA ASN A 53 1.55 -28.77 -10.11
C ASN A 53 2.71 -27.79 -10.22
N SER A 54 3.77 -28.01 -9.44
CA SER A 54 4.79 -26.98 -9.29
C SER A 54 5.64 -26.77 -10.55
N LEU A 55 5.62 -27.72 -11.48
CA LEU A 55 6.46 -27.58 -12.68
C LEU A 55 5.65 -27.57 -13.97
N LYS A 56 4.39 -27.13 -13.89
CA LYS A 56 3.51 -27.13 -15.05
C LYS A 56 3.64 -25.86 -15.91
N GLY A 57 4.57 -24.99 -15.53
CA GLY A 57 4.89 -23.84 -16.36
C GLY A 57 4.21 -22.57 -15.88
N SER A 58 4.75 -21.42 -16.30
CA SER A 58 4.31 -20.14 -15.74
C SER A 58 2.87 -19.79 -16.16
N GLU A 59 2.48 -20.16 -17.37
CA GLU A 59 1.12 -19.86 -17.83
C GLU A 59 0.03 -20.62 -17.06
N PHE A 60 0.18 -21.93 -16.91
CA PHE A 60 -0.77 -22.71 -16.14
C PHE A 60 -0.85 -22.22 -14.68
N ILE A 61 0.32 -21.95 -14.11
CA ILE A 61 0.42 -21.65 -12.69
C ILE A 61 -0.15 -20.25 -12.43
N TYR A 62 0.05 -19.34 -13.37
CA TYR A 62 -0.53 -18.02 -13.24
C TYR A 62 -2.05 -18.14 -13.23
N ASN A 63 -2.58 -18.94 -14.16
CA ASN A 63 -4.03 -19.09 -14.26
C ASN A 63 -4.66 -19.99 -13.21
N ASN A 64 -3.87 -20.59 -12.33
CA ASN A 64 -4.42 -21.55 -11.36
C ASN A 64 -3.86 -21.37 -9.94
N PRO A 65 -4.24 -20.28 -9.27
CA PRO A 65 -3.83 -20.11 -7.87
C PRO A 65 -4.35 -21.23 -6.96
N GLN A 66 -5.53 -21.78 -7.27
CA GLN A 66 -6.05 -22.88 -6.46
C GLN A 66 -5.14 -24.12 -6.56
N ALA A 67 -4.58 -24.37 -7.73
CA ALA A 67 -3.65 -25.47 -7.91
C ALA A 67 -2.35 -25.23 -7.13
N ARG A 68 -1.95 -23.97 -7.04
CA ARG A 68 -0.76 -23.62 -6.27
C ARG A 68 -0.98 -23.88 -4.77
N ALA A 69 -2.17 -23.54 -4.30
CA ALA A 69 -2.50 -23.77 -2.89
C ALA A 69 -2.55 -25.26 -2.59
N GLU A 70 -3.02 -26.05 -3.56
CA GLU A 70 -3.14 -27.48 -3.35
C GLU A 70 -1.77 -28.13 -3.24
N ASP A 71 -0.80 -27.61 -4.01
CA ASP A 71 0.59 -28.03 -3.88
C ASP A 71 1.09 -27.78 -2.46
N LEU A 72 0.77 -26.61 -1.92
CA LEU A 72 1.14 -26.26 -0.56
C LEU A 72 0.53 -27.21 0.46
N MSE A 73 -0.75 -27.51 0.29
CA MSE A 73 -1.46 -28.40 1.22
C MSE A 73 -0.93 -29.84 1.10
O MSE A 73 -0.78 -30.54 2.10
CB MSE A 73 -2.96 -28.37 0.97
CG MSE A 73 -3.59 -26.99 1.13
SE MSE A 73 -3.17 -26.12 2.84
CE MSE A 73 -1.85 -24.85 2.22
N THR A 74 -0.62 -30.24 -0.12
CA THR A 74 -0.10 -31.58 -0.36
C THR A 74 1.22 -31.77 0.35
N ALA A 75 2.11 -30.80 0.23
CA ALA A 75 3.41 -30.84 0.90
C ALA A 75 3.28 -30.87 2.42
N PHE A 76 2.39 -30.04 2.97
CA PHE A 76 2.21 -29.99 4.43
C PHE A 76 1.59 -31.29 4.95
N GLN A 77 0.60 -31.81 4.24
CA GLN A 77 -0.12 -33.00 4.71
C GLN A 77 0.63 -34.32 4.53
N ASP A 78 1.74 -34.30 3.78
CA ASP A 78 2.54 -35.51 3.59
C ASP A 78 3.63 -35.62 4.67
N THR A 79 3.51 -36.60 5.57
CA THR A 79 4.43 -36.70 6.69
C THR A 79 5.86 -37.09 6.29
N ARG A 80 6.03 -37.50 5.04
CA ARG A 80 7.36 -37.84 4.53
C ARG A 80 8.15 -36.56 4.26
N VAL A 81 7.46 -35.50 3.89
CA VAL A 81 8.10 -34.23 3.60
C VAL A 81 8.52 -33.55 4.90
N LYS A 82 9.81 -33.26 5.04
CA LYS A 82 10.33 -32.64 6.26
C LYS A 82 10.62 -31.15 6.09
N ALA A 83 10.61 -30.69 4.84
CA ALA A 83 10.87 -29.29 4.53
C ALA A 83 10.25 -28.92 3.20
N ILE A 84 9.82 -27.65 3.10
CA ILE A 84 9.22 -27.11 1.90
C ILE A 84 9.98 -25.87 1.46
N ILE A 85 10.45 -25.86 0.22
CA ILE A 85 11.24 -24.73 -0.26
C ILE A 85 10.64 -24.16 -1.54
N ALA A 86 10.43 -22.86 -1.56
CA ALA A 86 9.85 -22.19 -2.73
C ALA A 86 10.84 -22.17 -3.87
N ASN A 87 10.34 -22.35 -5.08
CA ASN A 87 11.24 -22.29 -6.22
C ASN A 87 11.74 -20.86 -6.45
N ILE A 88 10.89 -19.89 -6.15
CA ILE A 88 11.15 -18.50 -6.48
C ILE A 88 9.96 -17.64 -6.01
N GLY A 89 10.17 -16.33 -5.92
CA GLY A 89 9.11 -15.37 -5.67
C GLY A 89 8.31 -15.01 -6.92
N GLY A 90 7.79 -13.79 -6.96
CA GLY A 90 6.90 -13.39 -8.04
C GLY A 90 6.10 -12.18 -7.59
N GLN A 91 4.80 -12.16 -7.84
CA GLN A 91 4.00 -11.00 -7.46
C GLN A 91 2.55 -11.24 -7.06
N ASP A 92 2.00 -12.43 -7.25
CA ASP A 92 0.55 -12.59 -7.05
C ASP A 92 0.11 -13.72 -6.12
N SER A 93 0.98 -14.19 -5.22
CA SER A 93 0.58 -15.31 -4.37
C SER A 93 -0.52 -14.95 -3.35
N ILE A 94 -0.83 -13.67 -3.23
CA ILE A 94 -1.98 -13.23 -2.42
C ILE A 94 -3.28 -13.86 -3.00
N ARG A 95 -3.26 -14.24 -4.27
CA ARG A 95 -4.42 -14.86 -4.89
C ARG A 95 -4.71 -16.28 -4.35
N LEU A 96 -3.78 -16.81 -3.57
CA LEU A 96 -3.94 -18.14 -2.99
C LEU A 96 -4.86 -18.13 -1.78
N LEU A 97 -5.01 -16.95 -1.16
CA LEU A 97 -5.72 -16.83 0.11
C LEU A 97 -7.09 -17.53 0.20
N PRO A 98 -7.95 -17.40 -0.84
CA PRO A 98 -9.25 -18.08 -0.75
C PRO A 98 -9.16 -19.61 -0.66
N TYR A 99 -7.97 -20.15 -0.91
CA TYR A 99 -7.80 -21.58 -1.14
C TYR A 99 -6.93 -22.27 -0.09
N ILE A 100 -6.45 -21.51 0.88
CA ILE A 100 -5.58 -22.07 1.90
C ILE A 100 -6.37 -22.72 3.05
N ASP A 101 -6.01 -23.96 3.40
CA ASP A 101 -6.55 -24.62 4.59
C ASP A 101 -5.55 -24.48 5.75
N PHE A 102 -5.80 -23.52 6.63
CA PHE A 102 -4.84 -23.20 7.68
C PHE A 102 -4.63 -24.32 8.68
N ASN A 103 -5.65 -25.14 8.91
CA ASN A 103 -5.53 -26.27 9.81
C ASN A 103 -4.57 -27.33 9.25
N ALA A 104 -4.51 -27.44 7.93
CA ALA A 104 -3.57 -28.37 7.32
C ALA A 104 -2.14 -27.97 7.68
N ILE A 105 -1.88 -26.67 7.82
CA ILE A 105 -0.55 -26.20 8.21
C ILE A 105 -0.34 -26.41 9.71
N ARG A 106 -1.35 -26.06 10.49
CA ARG A 106 -1.28 -26.11 11.95
C ARG A 106 -1.06 -27.53 12.48
N GLU A 107 -1.62 -28.52 11.79
CA GLU A 107 -1.50 -29.91 12.22
C GLU A 107 -0.26 -30.60 11.67
N ASN A 108 0.50 -29.91 10.84
CA ASN A 108 1.70 -30.48 10.24
C ASN A 108 2.91 -29.57 10.26
N PRO A 109 3.40 -29.21 11.45
CA PRO A 109 4.54 -28.27 11.53
C PRO A 109 5.79 -28.84 10.89
N LYS A 110 6.43 -28.05 10.04
CA LYS A 110 7.65 -28.44 9.34
C LYS A 110 8.26 -27.18 8.72
N ILE A 111 9.51 -27.28 8.30
CA ILE A 111 10.24 -26.16 7.69
C ILE A 111 9.58 -25.64 6.41
N PHE A 112 9.36 -24.32 6.36
CA PHE A 112 8.96 -23.67 5.12
C PHE A 112 9.89 -22.50 4.84
N MSE A 113 10.44 -22.44 3.63
CA MSE A 113 11.44 -21.40 3.35
C MSE A 113 11.31 -20.73 1.97
O MSE A 113 11.00 -21.39 0.98
CB MSE A 113 12.85 -21.97 3.51
CG MSE A 113 13.91 -20.91 3.43
SE MSE A 113 15.60 -21.53 4.14
CE MSE A 113 15.96 -22.93 2.82
N GLY A 114 11.57 -19.42 1.95
CA GLY A 114 11.59 -18.61 0.75
C GLY A 114 11.62 -17.12 1.11
N TYR A 115 11.61 -16.24 0.13
CA TYR A 115 11.60 -14.80 0.40
C TYR A 115 10.81 -14.03 -0.67
N ALA A 116 10.85 -12.70 -0.60
CA ALA A 116 10.18 -11.84 -1.60
C ALA A 116 8.66 -12.05 -1.59
N ASP A 117 8.07 -12.41 -2.74
CA ASP A 117 6.63 -12.63 -2.77
C ASP A 117 6.23 -13.78 -1.85
N VAL A 118 7.20 -14.63 -1.51
CA VAL A 118 6.90 -15.76 -0.63
C VAL A 118 6.56 -15.29 0.80
N THR A 119 6.85 -14.02 1.10
CA THR A 119 6.32 -13.36 2.30
C THR A 119 4.84 -13.71 2.55
N ILE A 120 4.04 -13.68 1.50
CA ILE A 120 2.62 -14.03 1.65
C ILE A 120 2.45 -15.47 2.20
N SER A 121 3.22 -16.42 1.67
CA SER A 121 3.19 -17.79 2.18
C SER A 121 3.69 -17.89 3.62
N HIS A 122 4.65 -17.04 3.98
CA HIS A 122 5.09 -16.98 5.36
C HIS A 122 3.96 -16.53 6.26
N LEU A 123 3.16 -15.59 5.77
CA LEU A 123 1.99 -15.14 6.53
C LEU A 123 0.96 -16.26 6.65
N PHE A 124 0.94 -17.20 5.70
CA PHE A 124 0.10 -18.41 5.82
C PHE A 124 0.55 -19.25 7.04
N CYS A 125 1.84 -19.49 7.14
CA CYS A 125 2.40 -20.25 8.26
C CYS A 125 2.21 -19.51 9.58
N HIS A 126 2.53 -18.23 9.54
CA HIS A 126 2.48 -17.39 10.73
C HIS A 126 1.09 -17.41 11.34
N LYS A 127 0.07 -17.29 10.50
CA LYS A 127 -1.31 -17.30 10.97
C LYS A 127 -1.69 -18.68 11.52
N ALA A 128 -1.06 -19.72 10.99
CA ALA A 128 -1.32 -21.09 11.45
C ALA A 128 -0.54 -21.41 12.71
N GLY A 129 0.21 -20.42 13.21
CA GLY A 129 0.99 -20.58 14.43
C GLY A 129 2.35 -21.22 14.23
N LEU A 130 2.74 -21.37 12.97
CA LEU A 130 4.02 -22.03 12.66
C LEU A 130 5.09 -21.00 12.35
N SER A 131 6.27 -21.21 12.92
CA SER A 131 7.44 -20.42 12.57
C SER A 131 8.04 -20.89 11.25
N SER A 132 8.10 -19.99 10.27
CA SER A 132 8.71 -20.29 8.97
C SER A 132 9.98 -19.45 8.81
N PHE A 133 10.64 -19.56 7.67
CA PHE A 133 12.01 -19.06 7.54
C PHE A 133 12.22 -18.15 6.34
N TYR A 134 12.48 -16.88 6.61
CA TYR A 134 12.79 -15.94 5.55
C TYR A 134 14.22 -16.19 5.06
N GLY A 135 14.35 -16.76 3.86
CA GLY A 135 15.62 -17.26 3.39
C GLY A 135 15.66 -17.68 1.93
N PRO A 136 16.71 -18.40 1.54
CA PRO A 136 16.99 -18.77 0.15
C PRO A 136 15.93 -19.63 -0.52
N ALA A 137 15.86 -19.50 -1.85
CA ALA A 137 14.96 -20.29 -2.69
C ALA A 137 15.77 -21.06 -3.74
N ILE A 138 15.12 -22.01 -4.41
CA ILE A 138 15.81 -22.91 -5.34
C ILE A 138 16.46 -22.18 -6.52
N LEU A 139 15.70 -21.41 -7.28
CA LEU A 139 16.20 -20.83 -8.52
C LEU A 139 17.22 -19.69 -8.32
N THR A 140 17.14 -19.01 -7.18
CA THR A 140 17.96 -17.83 -6.97
C THR A 140 19.21 -18.09 -6.14
N ASP A 141 19.18 -19.08 -5.27
CA ASP A 141 20.28 -19.27 -4.33
C ASP A 141 20.93 -20.64 -4.46
N PHE A 142 20.15 -21.71 -4.39
CA PHE A 142 20.71 -23.06 -4.52
C PHE A 142 21.20 -23.34 -5.95
N ALA A 143 20.64 -22.64 -6.93
CA ALA A 143 20.98 -22.86 -8.33
C ALA A 143 22.05 -21.90 -8.84
N GLU A 144 22.72 -21.19 -7.92
CA GLU A 144 23.77 -20.23 -8.30
C GLU A 144 24.79 -20.91 -9.21
N ASN A 145 25.10 -20.28 -10.34
CA ASN A 145 26.04 -20.86 -11.30
C ASN A 145 27.41 -21.21 -10.72
N VAL A 146 27.93 -22.36 -11.16
CA VAL A 146 29.26 -22.92 -10.82
C VAL A 146 29.32 -23.48 -9.40
N GLU A 147 28.93 -22.70 -8.40
CA GLU A 147 28.86 -23.19 -7.02
C GLU A 147 28.05 -22.25 -6.13
N MSE A 148 27.49 -22.79 -5.06
CA MSE A 148 26.76 -21.99 -4.06
C MSE A 148 27.73 -21.11 -3.28
O MSE A 148 28.91 -21.45 -3.13
CB MSE A 148 25.99 -22.86 -3.08
CG MSE A 148 24.80 -23.61 -3.66
SE MSE A 148 23.75 -24.49 -2.26
CE MSE A 148 23.10 -22.90 -1.32
N ASP A 149 27.23 -19.99 -2.76
CA ASP A 149 28.04 -19.15 -1.90
C ASP A 149 28.18 -19.82 -0.54
N PRO A 150 29.43 -19.95 -0.06
CA PRO A 150 29.74 -20.57 1.23
C PRO A 150 28.93 -19.96 2.39
N TYR A 151 28.70 -18.66 2.33
CA TYR A 151 27.94 -17.96 3.35
C TYR A 151 26.51 -18.51 3.45
N THR A 152 25.87 -18.69 2.30
CA THR A 152 24.50 -19.20 2.28
C THR A 152 24.46 -20.63 2.79
N VAL A 153 25.44 -21.44 2.38
CA VAL A 153 25.55 -22.82 2.83
C VAL A 153 25.70 -22.89 4.35
N GLU A 154 26.56 -22.04 4.89
CA GLU A 154 26.78 -21.95 6.33
C GLU A 154 25.50 -21.63 7.10
N MSE A 155 24.74 -20.66 6.62
CA MSE A 155 23.54 -20.22 7.33
C MSE A 155 22.43 -21.27 7.29
O MSE A 155 21.74 -21.47 8.28
CB MSE A 155 23.06 -18.87 6.80
CG MSE A 155 24.04 -17.75 7.10
SE MSE A 155 24.53 -17.66 9.00
CE MSE A 155 25.90 -16.28 8.89
N VAL A 156 22.28 -21.94 6.15
CA VAL A 156 21.33 -23.04 6.06
C VAL A 156 21.70 -24.13 7.09
N ASN A 157 22.98 -24.46 7.18
CA ASN A 157 23.42 -25.46 8.13
C ASN A 157 23.20 -24.99 9.58
N ARG A 158 23.56 -23.75 9.87
CA ARG A 158 23.41 -23.19 11.21
C ARG A 158 21.94 -23.00 11.62
N THR A 159 21.04 -22.88 10.65
CA THR A 159 19.65 -22.58 10.98
C THR A 159 18.75 -23.81 10.90
N LEU A 160 19.02 -24.70 9.96
CA LEU A 160 18.13 -25.82 9.66
C LEU A 160 18.63 -27.19 10.10
N PHE A 161 19.96 -27.37 10.18
CA PHE A 161 20.52 -28.68 10.51
C PHE A 161 20.97 -28.79 11.95
N SER A 162 21.06 -27.65 12.65
CA SER A 162 21.51 -27.63 14.04
C SER A 162 20.45 -27.11 15.01
N ASN A 163 20.27 -27.80 16.13
CA ASN A 163 19.30 -27.38 17.16
C ASN A 163 19.96 -26.53 18.23
N GLU A 164 21.18 -26.08 17.95
CA GLU A 164 21.89 -25.16 18.83
C GLU A 164 21.56 -23.71 18.50
N MSE A 165 21.88 -22.82 19.42
CA MSE A 165 21.63 -21.39 19.22
C MSE A 165 22.35 -20.90 17.97
O MSE A 165 23.52 -21.19 17.76
CB MSE A 165 22.09 -20.61 20.46
CG MSE A 165 21.95 -19.10 20.32
SE MSE A 165 22.50 -18.15 21.93
CE MSE A 165 24.01 -17.15 21.21
N ILE A 166 21.63 -20.16 17.13
CA ILE A 166 22.22 -19.62 15.91
C ILE A 166 23.36 -18.67 16.26
N GLY A 167 23.10 -17.71 17.13
CA GLY A 167 24.14 -16.82 17.60
C GLY A 167 24.32 -15.58 16.74
N GLU A 168 25.56 -15.10 16.66
CA GLU A 168 25.85 -13.86 15.94
C GLU A 168 25.88 -14.06 14.44
N ILE A 169 25.19 -13.17 13.75
CA ILE A 169 25.18 -13.16 12.30
C ILE A 169 26.27 -12.21 11.81
N GLN A 170 27.36 -12.78 11.32
CA GLN A 170 28.41 -11.97 10.74
C GLN A 170 27.99 -11.59 9.32
N PRO A 171 28.34 -10.38 8.90
CA PRO A 171 28.09 -9.92 7.52
C PRO A 171 28.89 -10.70 6.47
N ALA A 172 28.30 -10.89 5.30
CA ALA A 172 28.98 -11.56 4.19
C ALA A 172 30.08 -10.67 3.62
N PRO A 173 31.22 -11.27 3.24
CA PRO A 173 32.35 -10.49 2.71
C PRO A 173 32.05 -9.85 1.35
N GLU A 174 31.28 -10.52 0.51
CA GLU A 174 30.97 -10.02 -0.82
C GLU A 174 29.49 -10.22 -1.12
N TRP A 175 28.96 -9.42 -2.04
CA TRP A 175 27.55 -9.53 -2.41
C TRP A 175 27.36 -9.31 -3.90
N THR A 176 26.22 -9.73 -4.42
CA THR A 176 25.93 -9.52 -5.82
C THR A 176 24.43 -9.50 -6.08
N SER A 177 24.02 -8.78 -7.12
CA SER A 177 22.67 -8.88 -7.61
C SER A 177 22.69 -8.67 -9.12
N GLU A 178 23.81 -9.02 -9.74
CA GLU A 178 24.00 -8.87 -11.17
C GLU A 178 23.00 -9.71 -11.95
N ARG A 179 22.50 -9.15 -13.05
CA ARG A 179 21.61 -9.87 -13.95
C ARG A 179 22.41 -10.85 -14.82
N LEU A 180 22.10 -12.13 -14.69
CA LEU A 180 22.64 -13.15 -15.57
C LEU A 180 21.48 -14.06 -16.00
N GLU A 181 21.12 -13.99 -17.27
CA GLU A 181 19.94 -14.70 -17.75
C GLU A 181 20.04 -16.21 -17.48
N TRP A 182 18.94 -16.79 -17.02
CA TRP A 182 18.88 -18.23 -16.68
C TRP A 182 18.67 -19.09 -17.92
N ILE A 183 19.58 -18.96 -18.88
CA ILE A 183 19.61 -19.87 -20.02
C ILE A 183 20.86 -20.76 -19.88
N GLU A 184 20.74 -21.99 -20.36
CA GLU A 184 21.69 -23.03 -20.03
C GLU A 184 23.07 -22.72 -20.58
N ILE A 185 23.14 -21.94 -21.66
CA ILE A 185 24.44 -21.57 -22.24
C ILE A 185 25.26 -20.72 -21.24
N ASN A 186 24.58 -20.09 -20.29
CA ASN A 186 25.23 -19.25 -19.31
C ASN A 186 25.70 -19.99 -18.07
N LYS A 187 25.42 -21.29 -18.00
CA LYS A 187 25.56 -22.05 -16.76
C LYS A 187 26.99 -22.07 -16.17
N ASP A 188 28.01 -21.84 -17.00
CA ASP A 188 29.40 -21.88 -16.53
C ASP A 188 29.97 -20.51 -16.16
N THR A 189 29.12 -19.49 -16.28
CA THR A 189 29.51 -18.11 -16.01
C THR A 189 29.22 -17.72 -14.57
N ARG A 190 30.26 -17.38 -13.81
CA ARG A 190 30.07 -16.85 -12.47
C ARG A 190 29.52 -15.43 -12.54
N ARG A 191 28.82 -15.01 -11.49
CA ARG A 191 28.39 -13.63 -11.38
C ARG A 191 29.44 -12.79 -10.65
N THR A 192 29.65 -11.55 -11.07
CA THR A 192 30.59 -10.65 -10.42
C THR A 192 30.24 -10.29 -8.99
N MSE A 193 31.18 -10.39 -8.07
CA MSE A 193 30.94 -9.97 -6.71
C MSE A 193 31.33 -8.54 -6.46
O MSE A 193 32.16 -8.01 -7.16
CB MSE A 193 31.61 -10.83 -5.67
CG MSE A 193 31.42 -12.30 -5.94
SE MSE A 193 29.55 -12.82 -5.81
CE MSE A 193 29.29 -12.78 -3.90
N GLN A 194 30.71 -7.93 -5.47
CA GLN A 194 31.07 -6.59 -5.01
C GLN A 194 31.47 -6.65 -3.56
N GLN A 195 32.25 -5.70 -3.11
CA GLN A 195 32.62 -5.64 -1.73
C GLN A 195 31.46 -5.27 -0.84
N ASN A 196 31.34 -5.90 0.30
CA ASN A 196 30.34 -5.56 1.26
C ASN A 196 30.96 -4.92 2.49
N ASN A 197 30.47 -3.77 2.90
CA ASN A 197 31.10 -3.01 3.96
C ASN A 197 30.51 -3.22 5.36
N GLY A 198 29.57 -4.15 5.48
CA GLY A 198 29.03 -4.46 6.79
C GLY A 198 27.84 -3.60 7.18
N TYR A 199 27.40 -3.77 8.41
CA TYR A 199 26.17 -3.14 8.88
C TYR A 199 26.38 -1.68 9.24
N GLU A 200 25.31 -0.90 9.16
CA GLU A 200 25.32 0.48 9.64
C GLU A 200 24.22 0.70 10.67
N LEU A 201 24.60 1.27 11.80
CA LEU A 201 23.61 1.68 12.80
C LEU A 201 23.10 3.06 12.45
N LEU A 202 21.86 3.15 11.99
CA LEU A 202 21.28 4.44 11.60
C LEU A 202 20.98 5.29 12.82
N GLN A 203 20.53 4.64 13.89
CA GLN A 203 20.18 5.34 15.12
C GLN A 203 20.01 4.32 16.24
N GLY A 204 20.00 4.82 17.47
CA GLY A 204 19.91 3.98 18.64
C GLY A 204 21.23 4.05 19.40
N SER A 205 21.23 3.60 20.66
CA SER A 205 22.46 3.61 21.44
C SER A 205 22.43 2.57 22.56
N THR A 206 21.39 1.73 22.56
CA THR A 206 21.20 0.73 23.60
C THR A 206 21.13 -0.68 23.01
N THR A 207 21.21 -1.70 23.86
CA THR A 207 21.08 -3.07 23.40
C THR A 207 19.66 -3.56 23.63
N VAL A 208 19.01 -4.02 22.56
CA VAL A 208 17.62 -4.46 22.63
C VAL A 208 17.43 -5.84 22.04
N GLN A 209 16.39 -6.53 22.48
CA GLN A 209 16.05 -7.83 21.92
C GLN A 209 14.54 -8.03 21.82
N GLY A 210 14.12 -8.77 20.79
CA GLY A 210 12.71 -9.03 20.55
C GLY A 210 12.52 -10.09 19.48
N ARG A 211 11.28 -10.48 19.26
CA ARG A 211 11.00 -11.56 18.32
C ARG A 211 10.83 -11.02 16.89
N LEU A 212 11.42 -11.73 15.92
CA LEU A 212 11.46 -11.28 14.53
C LEU A 212 10.11 -11.35 13.82
N ILE A 213 9.81 -10.31 13.07
CA ILE A 213 8.65 -10.30 12.17
C ILE A 213 8.84 -9.24 11.07
N GLY A 214 8.41 -9.56 9.86
CA GLY A 214 8.55 -8.65 8.74
C GLY A 214 8.60 -9.41 7.43
N GLY A 215 9.45 -8.94 6.51
CA GLY A 215 9.59 -9.56 5.21
C GLY A 215 9.81 -8.50 4.14
N CYS A 216 9.47 -8.80 2.90
CA CYS A 216 9.55 -7.82 1.83
C CYS A 216 8.50 -6.71 2.09
N ILE A 217 8.96 -5.47 2.19
CA ILE A 217 8.09 -4.38 2.64
C ILE A 217 6.99 -4.09 1.60
N GLU A 218 7.31 -4.21 0.31
CA GLU A 218 6.30 -4.09 -0.75
C GLU A 218 5.20 -5.15 -0.62
N VAL A 219 5.62 -6.39 -0.37
CA VAL A 219 4.69 -7.50 -0.37
C VAL A 219 3.81 -7.45 0.88
N LEU A 220 4.38 -7.05 2.02
CA LEU A 220 3.59 -6.90 3.24
C LEU A 220 2.40 -5.99 3.02
N GLU A 221 2.57 -4.95 2.20
CA GLU A 221 1.46 -4.08 1.84
C GLU A 221 0.26 -4.85 1.33
N PHE A 222 0.52 -5.92 0.57
CA PHE A 222 -0.53 -6.74 -0.03
C PHE A 222 -1.46 -7.35 1.04
N ALA A 223 -0.92 -7.62 2.22
CA ALA A 223 -1.70 -8.29 3.26
C ALA A 223 -2.36 -7.33 4.24
N LYS A 224 -2.03 -6.05 4.17
CA LYS A 224 -2.54 -5.08 5.14
C LYS A 224 -4.06 -4.94 5.01
N GLY A 225 -4.73 -4.91 6.16
CA GLY A 225 -6.18 -4.91 6.20
C GLY A 225 -6.85 -6.23 5.79
N THR A 226 -6.06 -7.29 5.63
CA THR A 226 -6.66 -8.58 5.27
C THR A 226 -6.65 -9.53 6.48
N GLU A 227 -7.32 -10.66 6.34
CA GLU A 227 -7.29 -11.66 7.36
C GLU A 227 -5.91 -12.23 7.56
N LEU A 228 -5.04 -12.01 6.60
CA LEU A 228 -3.69 -12.52 6.62
C LEU A 228 -2.77 -11.72 7.53
N TRP A 229 -3.20 -10.51 7.90
CA TRP A 229 -2.34 -9.63 8.68
C TRP A 229 -2.22 -10.15 10.11
N PRO A 230 -0.98 -10.27 10.61
CA PRO A 230 -0.76 -10.79 11.96
C PRO A 230 -1.48 -9.97 13.04
N GLU A 231 -2.03 -10.67 14.04
CA GLU A 231 -2.76 -10.03 15.12
C GLU A 231 -1.83 -9.16 15.97
N LYS A 232 -2.41 -8.14 16.61
CA LYS A 232 -1.66 -7.19 17.44
C LYS A 232 -0.62 -7.83 18.37
N LYS A 233 -0.93 -8.98 18.96
CA LYS A 233 -0.04 -9.63 19.93
C LYS A 233 1.34 -9.99 19.36
N HIS A 234 1.41 -10.21 18.05
CA HIS A 234 2.68 -10.60 17.40
C HIS A 234 3.62 -9.43 17.21
N TRP A 235 3.09 -8.21 17.28
CA TRP A 235 3.87 -7.02 17.04
C TRP A 235 4.46 -6.44 18.32
N GLU A 236 4.09 -7.02 19.46
CA GLU A 236 4.55 -6.52 20.75
C GLU A 236 6.00 -6.90 21.00
N ASP A 237 6.83 -5.89 21.29
CA ASP A 237 8.26 -6.09 21.57
C ASP A 237 8.97 -6.82 20.44
N SER A 238 8.80 -6.33 19.22
CA SER A 238 9.33 -7.07 18.09
C SER A 238 10.60 -6.45 17.51
N ILE A 239 11.36 -7.26 16.80
CA ILE A 239 12.39 -6.77 15.91
C ILE A 239 11.86 -6.88 14.49
N LEU A 240 11.49 -5.74 13.92
CA LEU A 240 10.97 -5.72 12.55
C LEU A 240 12.11 -5.94 11.56
N PHE A 241 11.87 -6.76 10.53
CA PHE A 241 12.82 -6.82 9.42
C PHE A 241 12.13 -6.49 8.09
N PHE A 242 12.76 -5.61 7.32
CA PHE A 242 12.21 -5.16 6.03
C PHE A 242 13.29 -5.28 4.95
N GLU A 243 12.89 -5.68 3.75
CA GLU A 243 13.79 -5.61 2.61
C GLU A 243 13.01 -5.22 1.36
N THR A 244 13.72 -4.65 0.36
CA THR A 244 13.10 -4.10 -0.84
C THR A 244 13.45 -4.91 -2.08
N SER A 245 12.52 -4.95 -3.04
CA SER A 245 12.62 -5.86 -4.18
C SER A 245 13.40 -5.32 -5.38
N GLU A 246 13.38 -6.09 -6.46
CA GLU A 246 14.08 -5.74 -7.68
C GLU A 246 13.43 -4.60 -8.45
N ASP A 247 12.22 -4.24 -8.09
CA ASP A 247 11.55 -3.17 -8.80
C ASP A 247 11.96 -1.80 -8.23
N HIS A 248 12.81 -1.81 -7.21
CA HIS A 248 13.36 -0.57 -6.62
C HIS A 248 12.27 0.43 -6.24
N PRO A 249 11.52 0.13 -5.18
CA PRO A 249 10.45 1.05 -4.77
C PRO A 249 11.04 2.43 -4.49
N GLU A 250 10.40 3.48 -5.01
CA GLU A 250 10.87 4.84 -4.80
C GLU A 250 10.91 5.17 -3.32
N PRO A 251 11.86 6.01 -2.91
CA PRO A 251 12.00 6.39 -1.49
C PRO A 251 10.71 6.93 -0.88
N SER A 252 9.91 7.64 -1.67
N SER A 252 9.91 7.65 -1.67
CA SER A 252 8.63 8.16 -1.20
CA SER A 252 8.62 8.15 -1.20
C SER A 252 7.72 7.03 -0.67
C SER A 252 7.76 7.02 -0.64
N TYR A 253 7.74 5.89 -1.35
CA TYR A 253 6.91 4.75 -0.94
C TYR A 253 7.37 4.12 0.37
N ILE A 254 8.68 4.06 0.59
CA ILE A 254 9.20 3.55 1.84
C ILE A 254 8.69 4.45 2.97
N LYS A 255 8.71 5.75 2.72
CA LYS A 255 8.17 6.73 3.67
C LYS A 255 6.68 6.51 3.95
N TYR A 256 5.88 6.34 2.90
CA TYR A 256 4.44 6.09 3.05
C TYR A 256 4.18 4.81 3.84
N TRP A 257 4.91 3.75 3.51
CA TRP A 257 4.69 2.46 4.17
C TRP A 257 5.06 2.51 5.65
N LEU A 258 6.18 3.16 5.97
CA LEU A 258 6.59 3.28 7.36
C LEU A 258 5.62 4.16 8.16
N ARG A 259 5.11 5.22 7.53
CA ARG A 259 4.11 6.07 8.17
C ARG A 259 2.87 5.28 8.55
N ASN A 260 2.51 4.31 7.72
CA ASN A 260 1.35 3.46 7.97
C ASN A 260 1.64 2.51 9.12
N TYR A 261 2.87 2.00 9.17
CA TYR A 261 3.28 1.17 10.30
C TYR A 261 3.17 1.98 11.59
N ALA A 262 3.45 3.28 11.50
CA ALA A 262 3.31 4.18 12.64
C ALA A 262 1.83 4.43 12.97
N ALA A 263 0.99 4.55 11.94
CA ALA A 263 -0.43 4.80 12.16
C ALA A 263 -1.14 3.58 12.77
N GLN A 264 -0.57 2.39 12.55
CA GLN A 264 -1.07 1.14 13.11
C GLN A 264 -0.61 0.88 14.54
N GLY A 265 0.41 1.60 14.99
CA GLY A 265 0.96 1.42 16.32
C GLY A 265 2.07 0.38 16.37
N ILE A 266 2.52 -0.06 15.21
CA ILE A 266 3.53 -1.11 15.15
C ILE A 266 4.94 -0.58 15.48
N LEU A 267 5.29 0.57 14.91
CA LEU A 267 6.62 1.14 15.13
C LEU A 267 6.85 1.46 16.60
N GLN A 268 5.79 1.91 17.29
CA GLN A 268 5.88 2.25 18.70
C GLN A 268 6.04 1.00 19.58
N LYS A 269 5.62 -0.17 19.09
CA LYS A 269 5.71 -1.43 19.84
C LYS A 269 7.05 -2.15 19.63
N ALA A 270 7.76 -1.78 18.57
CA ALA A 270 8.98 -2.47 18.19
C ALA A 270 10.14 -2.17 19.13
N LYS A 271 10.99 -3.17 19.34
CA LYS A 271 12.25 -2.98 20.07
C LYS A 271 13.35 -2.47 19.14
N GLY A 272 13.23 -2.78 17.85
CA GLY A 272 14.21 -2.36 16.88
C GLY A 272 13.84 -2.79 15.48
N ILE A 273 14.59 -2.31 14.49
CA ILE A 273 14.32 -2.63 13.09
C ILE A 273 15.62 -2.94 12.39
N ILE A 274 15.62 -3.94 11.52
CA ILE A 274 16.77 -4.18 10.66
C ILE A 274 16.32 -4.09 9.20
N PHE A 275 17.20 -3.60 8.33
CA PHE A 275 16.91 -3.49 6.90
C PHE A 275 17.92 -4.26 6.07
N GLY A 276 17.43 -4.99 5.07
CA GLY A 276 18.29 -5.72 4.14
C GLY A 276 18.88 -4.77 3.12
N LYS A 277 20.00 -5.16 2.53
CA LYS A 277 20.63 -4.39 1.47
C LYS A 277 19.69 -4.31 0.26
N PRO A 278 19.47 -3.11 -0.29
CA PRO A 278 18.59 -2.99 -1.46
C PRO A 278 19.23 -3.62 -2.69
N LYS A 279 18.44 -4.10 -3.64
CA LYS A 279 19.01 -4.70 -4.84
C LYS A 279 19.82 -3.66 -5.61
N ASP A 280 21.02 -4.03 -6.05
CA ASP A 280 21.95 -3.12 -6.72
C ASP A 280 22.34 -1.93 -5.84
N GLU A 281 22.02 -2.02 -4.55
CA GLU A 281 22.16 -0.91 -3.61
C GLU A 281 21.51 0.38 -4.13
N MSE A 282 20.52 0.21 -5.00
CA MSE A 282 19.70 1.30 -5.50
C MSE A 282 19.04 2.01 -4.35
O MSE A 282 18.49 1.37 -3.44
CB MSE A 282 18.65 0.77 -6.46
CG MSE A 282 17.68 1.82 -6.93
SE MSE A 282 18.47 2.79 -8.41
CE MSE A 282 18.04 1.51 -9.81
N TYR A 283 19.09 3.35 -4.38
CA TYR A 283 18.48 4.20 -3.35
C TYR A 283 19.06 3.94 -1.97
N TYR A 284 20.31 3.46 -1.93
CA TYR A 284 20.94 3.11 -0.66
C TYR A 284 20.89 4.26 0.35
N GLU A 285 21.31 5.44 -0.07
CA GLU A 285 21.35 6.60 0.82
C GLU A 285 19.97 7.23 1.03
N GLU A 286 19.18 7.26 -0.03
CA GLU A 286 17.86 7.88 0.01
C GLU A 286 16.93 7.17 0.98
N TYR A 287 17.02 5.85 1.05
CA TYR A 287 16.20 5.06 1.98
C TYR A 287 16.50 5.44 3.42
N LYS A 288 17.78 5.64 3.71
CA LYS A 288 18.22 6.05 5.04
C LYS A 288 17.54 7.35 5.44
N HIS A 289 17.56 8.34 4.55
CA HIS A 289 16.94 9.63 4.84
C HIS A 289 15.46 9.44 5.18
N GLU A 290 14.76 8.67 4.37
CA GLU A 290 13.33 8.49 4.57
C GLU A 290 13.03 7.76 5.88
N ILE A 291 13.80 6.72 6.17
CA ILE A 291 13.65 5.97 7.41
C ILE A 291 13.79 6.91 8.63
N LEU A 292 14.86 7.72 8.65
CA LEU A 292 15.11 8.60 9.77
C LEU A 292 14.07 9.73 9.89
N GLN A 293 13.56 10.18 8.75
CA GLN A 293 12.54 11.22 8.74
C GLN A 293 11.26 10.74 9.43
N VAL A 294 10.88 9.50 9.14
CA VAL A 294 9.67 8.92 9.73
C VAL A 294 9.80 8.71 11.24
N MSE A 295 10.99 8.31 11.69
CA MSE A 295 11.26 8.17 13.12
C MSE A 295 11.17 9.54 13.82
O MSE A 295 10.61 9.66 14.91
CB MSE A 295 12.64 7.54 13.35
CG MSE A 295 12.81 6.19 12.63
SE MSE A 295 11.48 4.87 13.17
CE MSE A 295 11.15 4.02 11.45
N LYS A 296 11.72 10.56 13.16
CA LYS A 296 11.68 11.92 13.70
C LYS A 296 10.23 12.43 13.81
N GLU A 297 9.43 12.19 12.76
CA GLU A 297 8.02 12.58 12.73
C GLU A 297 7.22 11.97 13.88
N HIS A 298 7.65 10.80 14.35
CA HIS A 298 6.88 10.08 15.34
C HIS A 298 7.62 9.88 16.66
N ASN A 299 8.58 10.77 16.92
CA ASN A 299 9.33 10.74 18.17
C ASN A 299 9.90 9.35 18.51
N LEU A 300 10.67 8.79 17.58
CA LEU A 300 11.24 7.46 17.77
C LEU A 300 12.71 7.43 17.40
N GLU A 301 13.42 8.51 17.72
CA GLU A 301 14.81 8.65 17.33
C GLU A 301 15.77 7.81 18.18
N ASP A 302 15.23 7.12 19.19
CA ASP A 302 16.04 6.28 20.06
C ASP A 302 15.88 4.81 19.73
N LEU A 303 15.08 4.52 18.69
CA LEU A 303 14.79 3.16 18.28
C LEU A 303 15.94 2.60 17.46
N PRO A 304 16.61 1.58 17.97
CA PRO A 304 17.75 0.99 17.27
C PRO A 304 17.40 0.49 15.85
N ILE A 305 18.09 1.02 14.85
CA ILE A 305 17.88 0.59 13.47
C ILE A 305 19.20 0.18 12.82
N LEU A 306 19.24 -1.05 12.31
CA LEU A 306 20.43 -1.57 11.65
C LEU A 306 20.18 -1.68 10.15
N TYR A 307 21.17 -1.28 9.37
CA TYR A 307 21.02 -1.15 7.94
C TYR A 307 22.06 -2.00 7.22
N ASN A 308 21.74 -2.39 5.98
CA ASN A 308 22.65 -3.10 5.09
C ASN A 308 22.95 -4.54 5.52
N LEU A 309 21.94 -5.23 6.03
CA LEU A 309 22.11 -6.65 6.36
C LEU A 309 21.93 -7.53 5.13
N ASN A 310 22.57 -8.70 5.15
CA ASN A 310 22.52 -9.61 4.01
C ASN A 310 21.33 -10.54 4.08
N PHE A 311 20.14 -9.96 3.96
CA PHE A 311 18.94 -10.71 3.62
C PHE A 311 18.19 -9.85 2.61
N GLY A 312 17.37 -10.47 1.78
CA GLY A 312 16.63 -9.71 0.80
C GLY A 312 16.97 -10.08 -0.61
N HIS A 313 17.00 -9.10 -1.51
CA HIS A 313 17.17 -9.38 -2.92
C HIS A 313 18.61 -9.28 -3.42
N THR A 314 19.57 -9.51 -2.53
CA THR A 314 20.94 -9.72 -2.98
C THR A 314 21.46 -11.03 -2.41
N GLU A 315 22.47 -11.60 -3.05
CA GLU A 315 23.08 -12.85 -2.60
C GLU A 315 24.50 -12.56 -2.12
N PRO A 316 24.99 -13.30 -1.09
CA PRO A 316 24.35 -14.39 -0.35
C PRO A 316 23.40 -13.90 0.75
N LYS A 317 22.79 -14.85 1.48
CA LYS A 317 21.79 -14.52 2.48
C LYS A 317 22.00 -15.31 3.75
N PHE A 318 21.60 -14.75 4.88
CA PHE A 318 21.39 -15.58 6.05
C PHE A 318 19.89 -15.84 6.15
N ILE A 319 19.46 -16.53 7.20
CA ILE A 319 18.06 -16.92 7.31
C ILE A 319 17.42 -16.35 8.57
N LEU A 320 16.20 -15.82 8.42
CA LEU A 320 15.48 -15.25 9.54
C LEU A 320 14.28 -16.14 9.89
N PRO A 321 14.31 -16.76 11.07
CA PRO A 321 13.15 -17.53 11.55
C PRO A 321 12.11 -16.59 12.17
N TYR A 322 10.89 -16.57 11.63
CA TYR A 322 9.82 -15.78 12.22
C TYR A 322 9.61 -16.15 13.69
N GLY A 323 9.42 -15.13 14.52
CA GLY A 323 9.10 -15.35 15.92
C GLY A 323 10.30 -15.61 16.83
N SER A 324 11.48 -15.81 16.23
CA SER A 324 12.66 -16.14 17.04
C SER A 324 13.25 -14.88 17.67
N MSE A 325 13.83 -15.08 18.86
CA MSE A 325 14.42 -13.98 19.61
C MSE A 325 15.72 -13.52 18.96
O MSE A 325 16.62 -14.32 18.73
CB MSE A 325 14.67 -14.41 21.06
CG MSE A 325 14.99 -13.26 22.02
SE MSE A 325 13.44 -12.10 22.40
CE MSE A 325 12.24 -13.39 23.26
N ALA A 326 15.81 -12.22 18.68
CA ALA A 326 16.99 -11.65 18.04
C ALA A 326 17.48 -10.47 18.84
N GLU A 327 18.69 -10.02 18.54
CA GLU A 327 19.27 -8.89 19.27
C GLU A 327 20.02 -7.92 18.36
N ILE A 328 19.86 -6.63 18.64
CA ILE A 328 20.71 -5.61 18.04
C ILE A 328 21.61 -5.02 19.13
N ASP A 329 22.91 -5.18 18.95
CA ASP A 329 23.89 -4.62 19.89
C ASP A 329 24.44 -3.33 19.31
N CYS A 330 24.08 -2.21 19.91
CA CYS A 330 24.36 -0.91 19.33
C CYS A 330 25.81 -0.45 19.48
N GLU A 331 26.46 -0.85 20.56
CA GLU A 331 27.88 -0.50 20.72
C GLU A 331 28.74 -1.24 19.69
N ASN A 332 28.51 -2.53 19.52
CA ASN A 332 29.30 -3.35 18.59
C ASN A 332 28.77 -3.31 17.15
N GLY A 333 27.60 -2.72 16.97
CA GLY A 333 26.94 -2.69 15.68
C GLY A 333 26.67 -4.07 15.09
N SER A 334 26.24 -5.00 15.93
CA SER A 334 26.08 -6.40 15.52
C SER A 334 24.64 -6.87 15.59
N PHE A 335 24.39 -8.03 15.00
CA PHE A 335 23.07 -8.65 15.01
C PHE A 335 23.21 -10.13 15.32
N SER A 336 22.33 -10.65 16.17
CA SER A 336 22.40 -12.06 16.52
C SER A 336 21.02 -12.65 16.79
N ILE A 337 20.92 -13.96 16.64
CA ILE A 337 19.69 -14.68 16.93
C ILE A 337 19.93 -15.59 18.13
N LEU A 338 19.20 -15.32 19.21
CA LEU A 338 19.53 -15.86 20.52
C LEU A 338 18.90 -17.22 20.82
N GLU A 339 18.46 -17.93 19.79
CA GLU A 339 17.95 -19.28 19.97
C GLU A 339 18.15 -20.12 18.71
N SER A 340 17.84 -21.40 18.80
CA SER A 340 17.91 -22.26 17.62
C SER A 340 16.79 -21.92 16.65
N GLY A 341 17.03 -22.15 15.37
CA GLY A 341 15.98 -22.02 14.38
C GLY A 341 15.04 -23.20 14.37
N VAL A 342 15.56 -24.39 14.70
CA VAL A 342 14.79 -25.62 14.65
C VAL A 342 14.83 -26.43 15.95
N GLU A 343 14.00 -27.48 15.99
CA GLU A 343 13.79 -28.36 17.15
C GLU A 343 13.09 -27.62 18.29
N MSE B 1 -26.99 5.34 6.60
CA MSE B 1 -25.86 5.00 7.46
C MSE B 1 -25.12 6.26 7.93
O MSE B 1 -24.71 6.34 9.09
CB MSE B 1 -24.90 4.07 6.71
CG MSE B 1 -24.07 3.17 7.61
SE MSE B 1 -23.96 1.32 6.96
CE MSE B 1 -23.48 1.67 5.09
N LEU B 2 -24.97 7.24 7.05
CA LEU B 2 -24.23 8.47 7.36
C LEU B 2 -25.15 9.68 7.50
N ILE B 3 -24.80 10.59 8.40
CA ILE B 3 -25.54 11.83 8.56
C ILE B 3 -25.29 12.78 7.40
N LYS B 4 -26.38 13.31 6.84
CA LYS B 4 -26.28 14.28 5.78
C LYS B 4 -26.36 15.71 6.36
N PRO B 5 -25.39 16.57 6.02
CA PRO B 5 -25.38 17.92 6.59
C PRO B 5 -26.41 18.89 5.97
N LYS B 6 -26.67 20.02 6.63
CA LYS B 6 -27.58 21.04 6.10
C LYS B 6 -26.97 21.83 4.94
N ARG B 7 -27.80 22.30 4.04
CA ARG B 7 -27.34 23.02 2.90
C ARG B 7 -26.73 24.40 3.19
N LEU B 8 -25.96 24.90 2.25
CA LEU B 8 -25.40 26.20 2.35
C LEU B 8 -26.31 27.24 1.73
N GLN B 9 -26.22 28.46 2.22
CA GLN B 9 -26.83 29.57 1.54
C GLN B 9 -26.03 30.85 1.71
N ALA B 10 -26.29 31.84 0.86
CA ALA B 10 -25.51 33.08 0.90
C ALA B 10 -25.53 33.67 2.30
N GLY B 11 -24.39 34.23 2.73
CA GLY B 11 -24.28 34.77 4.07
C GLY B 11 -23.70 33.82 5.09
N ASP B 12 -23.76 32.52 4.81
CA ASP B 12 -23.18 31.50 5.70
C ASP B 12 -21.65 31.63 5.83
N ILE B 13 -21.12 31.20 6.99
CA ILE B 13 -19.68 31.24 7.25
C ILE B 13 -19.02 29.91 6.91
N VAL B 14 -17.95 29.99 6.12
CA VAL B 14 -17.15 28.84 5.72
C VAL B 14 -15.74 28.94 6.31
N ALA B 15 -15.26 27.84 6.87
CA ALA B 15 -13.91 27.81 7.41
C ALA B 15 -12.96 27.16 6.40
N THR B 16 -11.77 27.72 6.25
CA THR B 16 -10.74 27.06 5.44
C THR B 16 -9.69 26.43 6.36
N VAL B 17 -9.22 25.24 6.01
CA VAL B 17 -8.27 24.54 6.88
C VAL B 17 -7.12 23.98 6.04
N SER B 18 -5.99 23.73 6.70
CA SER B 18 -4.81 23.12 6.08
C SER B 18 -4.46 21.79 6.77
N PRO B 19 -5.22 20.73 6.46
CA PRO B 19 -4.94 19.47 7.15
C PRO B 19 -3.75 18.73 6.58
N SER B 20 -3.30 19.12 5.40
CA SER B 20 -2.17 18.45 4.77
C SER B 20 -1.00 19.39 4.57
N TRP B 21 -0.77 19.77 3.31
CA TRP B 21 0.27 20.72 3.00
C TRP B 21 -0.15 22.12 3.44
N GLY B 22 0.75 22.83 4.10
CA GLY B 22 0.44 24.14 4.62
C GLY B 22 0.84 25.28 3.70
N GLY B 23 0.88 25.00 2.40
CA GLY B 23 1.35 25.97 1.43
C GLY B 23 0.55 27.26 1.33
N ALA B 24 -0.73 27.23 1.72
CA ALA B 24 -1.59 28.40 1.53
C ALA B 24 -1.07 29.62 2.29
N GLY B 25 -0.37 29.38 3.40
CA GLY B 25 0.16 30.46 4.22
C GLY B 25 1.52 30.99 3.79
N ASP B 26 2.19 30.30 2.88
CA ASP B 26 3.49 30.76 2.41
C ASP B 26 3.32 32.06 1.64
N SER B 27 4.30 32.96 1.76
CA SER B 27 4.20 34.31 1.21
C SER B 27 3.96 34.34 -0.30
N GLU B 28 4.66 33.47 -1.02
CA GLU B 28 4.55 33.46 -2.49
C GLU B 28 3.27 32.80 -3.00
N ILE B 29 2.54 32.09 -2.12
CA ILE B 29 1.30 31.38 -2.52
C ILE B 29 0.04 32.07 -1.96
N ARG B 30 0.25 32.97 -1.03
CA ARG B 30 -0.84 33.63 -0.32
C ARG B 30 -1.87 34.31 -1.26
N TRP B 31 -1.38 34.98 -2.31
CA TRP B 31 -2.22 35.64 -3.30
C TRP B 31 -3.23 34.63 -3.88
N ARG B 32 -2.81 33.38 -4.00
CA ARG B 32 -3.63 32.33 -4.60
C ARG B 32 -4.75 31.92 -3.64
N TYR B 33 -4.40 31.75 -2.37
CA TYR B 33 -5.40 31.48 -1.34
C TYR B 33 -6.45 32.60 -1.36
N GLU B 34 -5.98 33.84 -1.41
CA GLU B 34 -6.86 35.00 -1.36
C GLU B 34 -7.76 35.05 -2.57
N GLN B 35 -7.26 34.62 -3.72
CA GLN B 35 -8.05 34.57 -4.94
C GLN B 35 -9.20 33.55 -4.84
N GLY B 36 -8.93 32.41 -4.19
CA GLY B 36 -9.95 31.40 -3.96
C GLY B 36 -11.04 31.91 -3.03
N VAL B 37 -10.62 32.54 -1.93
CA VAL B 37 -11.54 33.18 -0.98
C VAL B 37 -12.47 34.19 -1.67
N LYS B 38 -11.90 34.98 -2.58
CA LYS B 38 -12.66 35.98 -3.30
C LYS B 38 -13.83 35.35 -4.08
N ARG B 39 -13.62 34.17 -4.67
CA ARG B 39 -14.70 33.51 -5.40
C ARG B 39 -15.74 32.94 -4.46
N LEU B 40 -15.32 32.44 -3.30
CA LEU B 40 -16.29 31.96 -2.32
C LEU B 40 -17.22 33.09 -1.90
N GLU B 41 -16.65 34.29 -1.78
CA GLU B 41 -17.39 35.47 -1.37
C GLU B 41 -18.27 36.03 -2.49
N GLU B 42 -17.73 36.14 -3.70
CA GLU B 42 -18.41 36.83 -4.80
C GLU B 42 -19.32 35.91 -5.61
N VAL B 43 -18.86 34.70 -5.90
CA VAL B 43 -19.66 33.77 -6.70
C VAL B 43 -20.72 33.06 -5.84
N PHE B 44 -20.40 32.75 -4.59
CA PHE B 44 -21.33 31.96 -3.77
C PHE B 44 -21.91 32.76 -2.60
N GLY B 45 -21.46 33.99 -2.43
CA GLY B 45 -21.98 34.87 -1.39
C GLY B 45 -21.69 34.42 0.02
N LEU B 46 -20.55 33.76 0.22
CA LEU B 46 -20.22 33.20 1.52
C LEU B 46 -19.29 34.13 2.32
N THR B 47 -19.19 33.90 3.62
CA THR B 47 -18.20 34.57 4.45
C THR B 47 -17.12 33.53 4.81
N VAL B 48 -15.86 33.89 4.69
CA VAL B 48 -14.75 32.95 4.90
C VAL B 48 -13.89 33.30 6.10
N VAL B 49 -13.63 32.32 6.95
CA VAL B 49 -12.72 32.55 8.06
C VAL B 49 -11.67 31.45 8.09
N PRO B 50 -10.40 31.84 8.08
CA PRO B 50 -9.32 30.85 8.21
C PRO B 50 -9.16 30.39 9.65
N MSE B 51 -9.04 29.09 9.89
CA MSE B 51 -8.78 28.59 11.24
C MSE B 51 -7.38 29.03 11.71
O MSE B 51 -6.49 29.24 10.87
CB MSE B 51 -8.94 27.07 11.29
CG MSE B 51 -10.39 26.61 11.06
SE MSE B 51 -11.68 27.27 12.38
CE MSE B 51 -12.31 28.91 11.49
N PRO B 52 -7.19 29.22 13.03
CA PRO B 52 -6.02 29.90 13.61
C PRO B 52 -4.65 29.47 13.10
N ASN B 53 -4.46 28.17 12.90
CA ASN B 53 -3.15 27.67 12.47
C ASN B 53 -3.03 27.46 10.97
N SER B 54 -4.14 27.58 10.25
CA SER B 54 -4.18 27.09 8.86
C SER B 54 -3.31 27.89 7.89
N LEU B 55 -2.90 29.10 8.26
CA LEU B 55 -2.12 29.94 7.36
C LEU B 55 -0.71 30.24 7.89
N LYS B 56 -0.24 29.41 8.82
CA LYS B 56 1.07 29.65 9.43
C LYS B 56 2.25 29.15 8.59
N GLY B 57 1.99 28.70 7.37
CA GLY B 57 3.06 28.30 6.47
C GLY B 57 3.40 26.82 6.52
N SER B 58 3.98 26.32 5.44
CA SER B 58 4.18 24.88 5.28
C SER B 58 5.11 24.26 6.33
N GLU B 59 6.08 25.03 6.83
CA GLU B 59 7.01 24.46 7.80
C GLU B 59 6.35 24.24 9.16
N PHE B 60 5.62 25.23 9.65
CA PHE B 60 4.91 25.06 10.92
C PHE B 60 3.92 23.91 10.81
N ILE B 61 3.16 23.87 9.72
CA ILE B 61 2.10 22.89 9.54
C ILE B 61 2.68 21.46 9.45
N TYR B 62 3.77 21.30 8.71
CA TYR B 62 4.40 19.99 8.61
C TYR B 62 4.80 19.49 10.00
N ASN B 63 5.42 20.36 10.79
CA ASN B 63 5.93 19.95 12.09
C ASN B 63 4.85 19.87 13.18
N ASN B 64 3.64 20.30 12.88
CA ASN B 64 2.60 20.32 13.91
C ASN B 64 1.30 19.65 13.52
N PRO B 65 1.31 18.31 13.38
CA PRO B 65 0.05 17.64 13.04
C PRO B 65 -1.03 17.90 14.10
N GLN B 66 -0.65 18.00 15.37
CA GLN B 66 -1.62 18.24 16.42
C GLN B 66 -2.35 19.57 16.23
N ALA B 67 -1.61 20.61 15.88
CA ALA B 67 -2.21 21.92 15.58
C ALA B 67 -3.17 21.85 14.37
N ARG B 68 -2.85 21.00 13.40
CA ARG B 68 -3.74 20.77 12.27
C ARG B 68 -5.04 20.15 12.73
N ALA B 69 -4.94 19.14 13.57
CA ALA B 69 -6.12 18.48 14.13
C ALA B 69 -6.96 19.49 14.90
N GLU B 70 -6.29 20.36 15.65
CA GLU B 70 -6.99 21.38 16.46
C GLU B 70 -7.78 22.33 15.58
N ASP B 71 -7.20 22.71 14.45
CA ASP B 71 -7.90 23.54 13.49
C ASP B 71 -9.22 22.88 13.04
N LEU B 72 -9.17 21.59 12.74
CA LEU B 72 -10.36 20.85 12.32
C LEU B 72 -11.43 20.83 13.40
N MSE B 73 -11.00 20.55 14.62
CA MSE B 73 -11.90 20.46 15.76
C MSE B 73 -12.52 21.82 16.05
O MSE B 73 -13.69 21.92 16.37
CB MSE B 73 -11.17 19.92 16.98
CG MSE B 73 -10.45 18.60 16.76
SE MSE B 73 -11.60 17.12 16.26
CE MSE B 73 -11.57 17.22 14.34
N THR B 74 -11.69 22.86 15.94
CA THR B 74 -12.15 24.24 16.11
C THR B 74 -13.25 24.54 15.11
N ALA B 75 -13.01 24.19 13.85
CA ALA B 75 -13.99 24.46 12.81
C ALA B 75 -15.29 23.69 13.07
N PHE B 76 -15.19 22.43 13.50
CA PHE B 76 -16.40 21.64 13.72
C PHE B 76 -17.21 22.15 14.92
N GLN B 77 -16.52 22.52 15.99
CA GLN B 77 -17.20 22.98 17.20
C GLN B 77 -17.68 24.43 17.12
N ASP B 78 -17.37 25.13 16.04
CA ASP B 78 -17.88 26.50 15.86
C ASP B 78 -19.25 26.47 15.16
N THR B 79 -20.31 26.76 15.92
CA THR B 79 -21.68 26.62 15.41
C THR B 79 -22.01 27.59 14.28
N ARG B 80 -21.25 28.67 14.19
CA ARG B 80 -21.38 29.63 13.09
C ARG B 80 -20.92 29.05 11.75
N VAL B 81 -19.96 28.13 11.80
CA VAL B 81 -19.35 27.56 10.60
C VAL B 81 -20.28 26.51 9.97
N LYS B 82 -20.71 26.77 8.74
CA LYS B 82 -21.67 25.88 8.08
C LYS B 82 -21.01 24.93 7.07
N ALA B 83 -19.74 25.20 6.74
CA ALA B 83 -18.96 24.33 5.86
C ALA B 83 -17.48 24.49 6.10
N ILE B 84 -16.74 23.43 5.79
CA ILE B 84 -15.29 23.40 5.95
C ILE B 84 -14.65 22.97 4.65
N ILE B 85 -13.78 23.80 4.12
CA ILE B 85 -13.14 23.49 2.85
C ILE B 85 -11.63 23.45 3.02
N ALA B 86 -11.03 22.33 2.64
CA ALA B 86 -9.58 22.17 2.68
C ALA B 86 -8.93 23.08 1.64
N ASN B 87 -7.79 23.67 1.98
CA ASN B 87 -7.09 24.55 1.06
C ASN B 87 -6.44 23.78 -0.09
N ILE B 88 -6.00 22.56 0.20
CA ILE B 88 -5.13 21.80 -0.69
CA ILE B 88 -5.18 21.78 -0.72
C ILE B 88 -4.87 20.43 -0.07
N GLY B 89 -4.43 19.46 -0.87
CA GLY B 89 -4.00 18.17 -0.34
C GLY B 89 -2.54 18.22 0.10
N GLY B 90 -1.86 17.08 0.00
CA GLY B 90 -0.49 16.94 0.45
C GLY B 90 -0.15 15.47 0.52
N GLN B 91 0.37 15.01 1.66
CA GLN B 91 0.74 13.61 1.76
C GLN B 91 0.74 13.03 3.18
N ASP B 92 0.74 13.86 4.22
CA ASP B 92 0.99 13.33 5.57
C ASP B 92 -0.14 13.56 6.59
N SER B 93 -1.38 13.79 6.15
CA SER B 93 -2.43 14.08 7.11
C SER B 93 -2.80 12.86 7.96
N ILE B 94 -2.29 11.68 7.60
CA ILE B 94 -2.47 10.47 8.40
C ILE B 94 -1.86 10.69 9.78
N ARG B 95 -0.94 11.64 9.90
CA ARG B 95 -0.31 11.94 11.19
C ARG B 95 -1.29 12.59 12.17
N LEU B 96 -2.43 13.05 11.66
CA LEU B 96 -3.43 13.71 12.51
C LEU B 96 -4.23 12.73 13.35
N LEU B 97 -4.19 11.45 12.97
CA LEU B 97 -5.05 10.41 13.56
C LEU B 97 -5.08 10.39 15.10
N PRO B 98 -3.93 10.43 15.77
CA PRO B 98 -3.98 10.36 17.25
C PRO B 98 -4.74 11.52 17.90
N TYR B 99 -4.87 12.65 17.22
CA TYR B 99 -5.35 13.87 17.85
C TYR B 99 -6.78 14.25 17.47
N ILE B 100 -7.46 13.38 16.74
CA ILE B 100 -8.80 13.68 16.30
C ILE B 100 -9.83 13.27 17.34
N ASP B 101 -10.73 14.20 17.67
CA ASP B 101 -11.91 13.94 18.51
C ASP B 101 -13.10 13.62 17.60
N PHE B 102 -13.37 12.33 17.42
CA PHE B 102 -14.43 11.94 16.48
C PHE B 102 -15.81 12.36 16.94
N ASN B 103 -16.00 12.45 18.26
CA ASN B 103 -17.28 12.89 18.80
C ASN B 103 -17.56 14.37 18.47
N ALA B 104 -16.52 15.18 18.44
CA ALA B 104 -16.66 16.59 18.09
C ALA B 104 -17.16 16.75 16.65
N ILE B 105 -16.80 15.81 15.79
CA ILE B 105 -17.37 15.75 14.45
C ILE B 105 -18.82 15.24 14.51
N ARG B 106 -19.03 14.14 15.22
CA ARG B 106 -20.33 13.48 15.26
C ARG B 106 -21.41 14.42 15.76
N GLU B 107 -21.08 15.21 16.76
CA GLU B 107 -22.03 16.14 17.35
C GLU B 107 -22.22 17.42 16.53
N ASN B 108 -21.36 17.65 15.55
CA ASN B 108 -21.43 18.88 14.79
C ASN B 108 -21.50 18.68 13.29
N PRO B 109 -22.58 18.02 12.81
CA PRO B 109 -22.61 17.74 11.37
C PRO B 109 -22.62 19.02 10.51
N LYS B 110 -21.71 19.06 9.54
CA LYS B 110 -21.64 20.16 8.58
C LYS B 110 -20.86 19.70 7.36
N ILE B 111 -20.92 20.51 6.31
CA ILE B 111 -20.23 20.20 5.06
C ILE B 111 -18.72 20.21 5.24
N PHE B 112 -18.06 19.13 4.83
CA PHE B 112 -16.61 19.08 4.77
C PHE B 112 -16.18 18.65 3.37
N MSE B 113 -15.33 19.45 2.72
CA MSE B 113 -14.99 19.16 1.33
C MSE B 113 -13.50 19.28 0.98
O MSE B 113 -12.79 20.14 1.51
CB MSE B 113 -15.77 20.09 0.40
CG MSE B 113 -15.66 19.67 -1.04
SE MSE B 113 -17.05 20.47 -2.11
CE MSE B 113 -16.57 22.34 -1.83
N GLY B 114 -13.06 18.40 0.08
CA GLY B 114 -11.70 18.43 -0.46
C GLY B 114 -11.43 17.11 -1.16
N TYR B 115 -10.20 16.93 -1.65
CA TYR B 115 -9.83 15.67 -2.30
C TYR B 115 -8.36 15.36 -2.12
N ALA B 116 -7.91 14.29 -2.78
CA ALA B 116 -6.52 13.83 -2.79
C ALA B 116 -6.13 13.39 -1.37
N ASP B 117 -5.13 14.03 -0.76
CA ASP B 117 -4.74 13.58 0.58
C ASP B 117 -5.83 13.86 1.60
N VAL B 118 -6.75 14.77 1.27
CA VAL B 118 -7.90 15.05 2.14
C VAL B 118 -8.82 13.83 2.23
N THR B 119 -8.57 12.81 1.40
CA THR B 119 -9.23 11.51 1.58
C THR B 119 -9.16 11.04 3.03
N ILE B 120 -8.00 11.25 3.67
CA ILE B 120 -7.83 10.87 5.07
C ILE B 120 -8.78 11.62 6.01
N SER B 121 -8.92 12.92 5.81
CA SER B 121 -9.86 13.69 6.59
C SER B 121 -11.29 13.24 6.31
N HIS B 122 -11.56 12.78 5.08
CA HIS B 122 -12.90 12.27 4.80
C HIS B 122 -13.16 11.00 5.62
N LEU B 123 -12.11 10.22 5.87
CA LEU B 123 -12.27 9.00 6.66
C LEU B 123 -12.53 9.36 8.12
N PHE B 124 -12.03 10.50 8.55
CA PHE B 124 -12.38 11.01 9.90
C PHE B 124 -13.88 11.20 10.00
N CYS B 125 -14.42 11.97 9.07
CA CYS B 125 -15.85 12.24 8.99
C CYS B 125 -16.67 10.96 8.89
N HIS B 126 -16.27 10.09 7.99
CA HIS B 126 -16.93 8.82 7.77
C HIS B 126 -17.03 8.03 9.07
N LYS B 127 -15.90 7.90 9.75
CA LYS B 127 -15.82 7.15 11.00
C LYS B 127 -16.73 7.77 12.08
N ALA B 128 -16.90 9.08 12.00
CA ALA B 128 -17.75 9.78 12.95
C ALA B 128 -19.22 9.73 12.55
N GLY B 129 -19.52 9.07 11.44
CA GLY B 129 -20.89 8.92 11.03
C GLY B 129 -21.41 10.05 10.15
N LEU B 130 -20.49 10.89 9.66
CA LEU B 130 -20.83 12.06 8.87
C LEU B 130 -20.52 11.87 7.38
N SER B 131 -21.49 12.16 6.51
CA SER B 131 -21.25 12.16 5.08
C SER B 131 -20.50 13.44 4.67
N SER B 132 -19.32 13.27 4.09
CA SER B 132 -18.57 14.42 3.60
C SER B 132 -18.45 14.36 2.07
N PHE B 133 -17.71 15.31 1.51
CA PHE B 133 -17.79 15.59 0.07
C PHE B 133 -16.45 15.55 -0.62
N TYR B 134 -16.27 14.55 -1.47
CA TYR B 134 -15.06 14.46 -2.28
C TYR B 134 -15.19 15.45 -3.44
N GLY B 135 -14.49 16.58 -3.34
CA GLY B 135 -14.66 17.63 -4.33
C GLY B 135 -13.63 18.74 -4.24
N PRO B 136 -13.93 19.87 -4.89
CA PRO B 136 -12.99 20.96 -5.12
C PRO B 136 -12.42 21.57 -3.85
N ALA B 137 -11.18 22.05 -3.95
CA ALA B 137 -10.48 22.67 -2.82
C ALA B 137 -10.09 24.12 -3.17
N ILE B 138 -9.73 24.92 -2.16
CA ILE B 138 -9.49 26.36 -2.38
C ILE B 138 -8.43 26.67 -3.46
N LEU B 139 -7.23 26.14 -3.32
CA LEU B 139 -6.09 26.51 -4.19
C LEU B 139 -6.16 25.94 -5.60
N THR B 140 -6.78 24.78 -5.77
CA THR B 140 -6.79 24.12 -7.07
C THR B 140 -8.05 24.41 -7.88
N ASP B 141 -9.15 24.73 -7.23
CA ASP B 141 -10.43 24.85 -7.94
C ASP B 141 -11.11 26.22 -7.82
N PHE B 142 -11.32 26.67 -6.58
CA PHE B 142 -11.94 27.96 -6.34
C PHE B 142 -11.02 29.11 -6.75
N ALA B 143 -9.72 28.84 -6.79
CA ALA B 143 -8.74 29.85 -7.15
C ALA B 143 -8.27 29.78 -8.62
N GLU B 144 -8.99 29.04 -9.47
CA GLU B 144 -8.66 28.97 -10.90
C GLU B 144 -8.48 30.37 -11.51
N ASN B 145 -7.44 30.54 -12.34
CA ASN B 145 -7.12 31.87 -12.85
C ASN B 145 -8.20 32.43 -13.78
N VAL B 146 -8.38 33.76 -13.69
CA VAL B 146 -9.32 34.53 -14.51
C VAL B 146 -10.77 34.27 -14.11
N GLU B 147 -11.22 33.02 -14.17
CA GLU B 147 -12.54 32.68 -13.65
C GLU B 147 -12.66 31.19 -13.34
N MSE B 148 -13.58 30.87 -12.44
CA MSE B 148 -13.86 29.47 -12.13
C MSE B 148 -14.49 28.80 -13.34
O MSE B 148 -15.18 29.45 -14.13
CB MSE B 148 -14.78 29.33 -10.92
CG MSE B 148 -14.13 29.60 -9.58
SE MSE B 148 -15.32 29.10 -8.12
CE MSE B 148 -15.38 27.16 -8.39
N ASP B 149 -14.26 27.49 -13.48
CA ASP B 149 -14.91 26.72 -14.53
C ASP B 149 -16.39 26.67 -14.22
N PRO B 150 -17.25 26.98 -15.21
CA PRO B 150 -18.70 26.95 -15.01
C PRO B 150 -19.19 25.59 -14.55
N TYR B 151 -18.53 24.52 -15.00
CA TYR B 151 -18.89 23.16 -14.64
C TYR B 151 -18.75 22.95 -13.14
N THR B 152 -17.61 23.36 -12.59
CA THR B 152 -17.36 23.18 -11.17
C THR B 152 -18.34 24.03 -10.38
N VAL B 153 -18.60 25.23 -10.87
CA VAL B 153 -19.52 26.12 -10.19
C VAL B 153 -20.90 25.50 -10.13
N GLU B 154 -21.34 24.94 -11.26
CA GLU B 154 -22.63 24.29 -11.35
C GLU B 154 -22.76 23.15 -10.34
N MSE B 155 -21.73 22.30 -10.27
CA MSE B 155 -21.76 21.14 -9.40
C MSE B 155 -21.73 21.53 -7.92
O MSE B 155 -22.35 20.86 -7.10
CB MSE B 155 -20.60 20.19 -9.71
CG MSE B 155 -20.71 19.54 -11.07
SE MSE B 155 -22.46 18.67 -11.31
CE MSE B 155 -22.27 18.19 -13.19
N VAL B 156 -21.05 22.62 -7.59
CA VAL B 156 -21.08 23.12 -6.22
C VAL B 156 -22.47 23.62 -5.87
N ASN B 157 -23.11 24.31 -6.80
CA ASN B 157 -24.48 24.75 -6.58
C ASN B 157 -25.46 23.58 -6.48
N ARG B 158 -25.29 22.57 -7.33
CA ARG B 158 -26.22 21.45 -7.33
C ARG B 158 -26.07 20.56 -6.11
N THR B 159 -24.88 20.53 -5.54
CA THR B 159 -24.57 19.58 -4.48
C THR B 159 -24.70 20.18 -3.08
N LEU B 160 -24.30 21.45 -2.94
CA LEU B 160 -24.19 22.05 -1.63
C LEU B 160 -25.19 23.18 -1.39
N PHE B 161 -25.77 23.74 -2.46
CA PHE B 161 -26.69 24.87 -2.30
C PHE B 161 -28.13 24.50 -2.59
N SER B 162 -28.32 23.45 -3.37
CA SER B 162 -29.66 22.94 -3.64
C SER B 162 -29.92 21.73 -2.77
N ASN B 163 -31.11 21.60 -2.21
CA ASN B 163 -31.42 20.38 -1.48
C ASN B 163 -32.23 19.41 -2.35
N GLU B 164 -32.31 19.71 -3.64
CA GLU B 164 -32.93 18.81 -4.61
C GLU B 164 -31.98 17.68 -4.98
N MSE B 165 -32.52 16.63 -5.60
N MSE B 165 -32.52 16.65 -5.63
CA MSE B 165 -31.72 15.49 -6.07
CA MSE B 165 -31.69 15.50 -6.02
C MSE B 165 -30.64 15.93 -7.06
C MSE B 165 -30.65 15.91 -7.06
O MSE B 165 -30.88 16.76 -7.93
O MSE B 165 -30.93 16.71 -7.96
CB MSE B 165 -32.63 14.43 -6.71
CB MSE B 165 -32.57 14.38 -6.55
CG MSE B 165 -31.89 13.31 -7.47
CG MSE B 165 -31.80 13.08 -6.80
SE MSE B 165 -33.08 11.93 -8.24
SE MSE B 165 -32.98 11.54 -7.01
CE MSE B 165 -32.02 11.37 -9.78
CE MSE B 165 -33.77 11.50 -5.22
N ILE B 166 -29.43 15.38 -6.91
CA ILE B 166 -28.34 15.75 -7.79
C ILE B 166 -28.59 15.27 -9.20
N GLY B 167 -28.94 13.99 -9.33
CA GLY B 167 -29.31 13.44 -10.62
C GLY B 167 -28.12 13.07 -11.48
N GLU B 168 -28.34 13.06 -12.78
CA GLU B 168 -27.35 12.58 -13.71
C GLU B 168 -26.16 13.53 -13.77
N ILE B 169 -24.97 12.95 -13.69
CA ILE B 169 -23.74 13.72 -13.82
C ILE B 169 -23.24 13.66 -15.25
N GLN B 170 -23.41 14.75 -15.99
CA GLN B 170 -22.94 14.80 -17.37
C GLN B 170 -21.45 15.07 -17.39
N PRO B 171 -20.75 14.55 -18.41
CA PRO B 171 -19.31 14.82 -18.48
C PRO B 171 -19.03 16.27 -18.83
N ALA B 172 -17.89 16.79 -18.40
CA ALA B 172 -17.50 18.16 -18.74
C ALA B 172 -17.13 18.28 -20.21
N PRO B 173 -17.45 19.43 -20.84
CA PRO B 173 -17.08 19.60 -22.25
C PRO B 173 -15.56 19.69 -22.43
N GLU B 174 -14.86 20.27 -21.47
CA GLU B 174 -13.40 20.41 -21.57
C GLU B 174 -12.72 20.09 -20.24
N TRP B 175 -11.43 19.81 -20.30
CA TRP B 175 -10.67 19.49 -19.10
C TRP B 175 -9.25 20.01 -19.19
N THR B 176 -8.58 20.12 -18.04
CA THR B 176 -7.18 20.49 -18.02
C THR B 176 -6.52 19.94 -16.76
N SER B 177 -5.23 19.66 -16.85
CA SER B 177 -4.40 19.44 -15.66
C SER B 177 -3.01 20.06 -15.89
N GLU B 178 -2.96 21.06 -16.76
CA GLU B 178 -1.72 21.78 -17.06
C GLU B 178 -1.09 22.43 -15.81
N ARG B 179 0.22 22.25 -15.65
CA ARG B 179 0.96 22.90 -14.56
C ARG B 179 1.23 24.38 -14.85
N LEU B 180 0.63 25.25 -14.05
CA LEU B 180 0.86 26.70 -14.15
C LEU B 180 1.25 27.19 -12.76
N GLU B 181 2.48 27.69 -12.61
CA GLU B 181 3.02 27.99 -11.27
C GLU B 181 2.15 28.99 -10.52
N TRP B 182 1.92 28.74 -9.23
CA TRP B 182 1.09 29.64 -8.44
C TRP B 182 1.89 30.86 -7.98
N ILE B 183 2.41 31.61 -8.93
CA ILE B 183 3.07 32.87 -8.64
C ILE B 183 2.19 33.99 -9.21
N GLU B 184 2.10 35.12 -8.50
CA GLU B 184 1.11 36.14 -8.82
C GLU B 184 1.22 36.67 -10.27
N ILE B 185 2.45 36.69 -10.79
CA ILE B 185 2.71 37.07 -12.19
C ILE B 185 1.81 36.31 -13.19
N ASN B 186 1.38 35.11 -12.81
CA ASN B 186 0.56 34.28 -13.69
C ASN B 186 -0.96 34.44 -13.51
N LYS B 187 -1.38 35.35 -12.63
CA LYS B 187 -2.80 35.36 -12.25
C LYS B 187 -3.74 35.68 -13.42
N ASP B 188 -3.24 36.34 -14.46
CA ASP B 188 -4.09 36.69 -15.59
C ASP B 188 -3.88 35.77 -16.79
N THR B 189 -3.21 34.64 -16.56
CA THR B 189 -3.02 33.63 -17.61
C THR B 189 -4.02 32.48 -17.44
N ARG B 190 -4.76 32.17 -18.49
CA ARG B 190 -5.69 31.02 -18.46
C ARG B 190 -4.94 29.73 -18.74
N ARG B 191 -5.41 28.63 -18.14
CA ARG B 191 -4.85 27.32 -18.45
C ARG B 191 -5.46 26.80 -19.75
N THR B 192 -4.66 26.06 -20.52
CA THR B 192 -5.12 25.47 -21.78
C THR B 192 -6.09 24.32 -21.53
N MSE B 193 -7.22 24.35 -22.19
CA MSE B 193 -8.17 23.29 -22.09
C MSE B 193 -8.12 22.31 -23.24
O MSE B 193 -7.80 22.68 -24.37
CB MSE B 193 -9.56 23.87 -22.09
CG MSE B 193 -9.77 25.04 -21.17
SE MSE B 193 -9.46 24.53 -19.29
CE MSE B 193 -11.04 23.40 -19.05
N GLN B 194 -8.45 21.06 -22.97
CA GLN B 194 -8.57 20.02 -23.98
C GLN B 194 -10.02 19.64 -24.10
N GLN B 195 -10.40 19.19 -25.28
CA GLN B 195 -11.71 18.65 -25.53
C GLN B 195 -11.88 17.35 -24.74
N ASN B 196 -13.04 17.12 -24.14
CA ASN B 196 -13.29 15.91 -23.37
C ASN B 196 -14.14 14.92 -24.12
N ASN B 197 -13.85 13.64 -23.96
CA ASN B 197 -14.52 12.59 -24.71
C ASN B 197 -15.64 11.82 -24.02
N GLY B 198 -15.96 12.15 -22.80
CA GLY B 198 -17.08 11.50 -22.12
C GLY B 198 -16.68 10.15 -21.56
N TYR B 199 -17.62 9.47 -20.94
CA TYR B 199 -17.32 8.30 -20.11
C TYR B 199 -17.04 7.06 -20.94
N GLU B 200 -16.26 6.15 -20.38
CA GLU B 200 -16.02 4.85 -21.01
C GLU B 200 -16.47 3.72 -20.09
N LEU B 201 -17.27 2.81 -20.63
CA LEU B 201 -17.67 1.61 -19.92
C LEU B 201 -16.70 0.47 -20.19
N LEU B 202 -15.87 0.11 -19.21
CA LEU B 202 -14.84 -0.91 -19.41
C LEU B 202 -15.42 -2.33 -19.47
N GLN B 203 -16.48 -2.55 -18.70
CA GLN B 203 -17.15 -3.83 -18.62
C GLN B 203 -18.46 -3.63 -17.87
N GLY B 204 -19.32 -4.66 -17.90
CA GLY B 204 -20.62 -4.60 -17.26
C GLY B 204 -21.74 -4.50 -18.27
N SER B 205 -22.91 -5.06 -17.94
CA SER B 205 -24.03 -5.02 -18.87
C SER B 205 -25.36 -4.83 -18.17
N THR B 206 -25.30 -4.49 -16.88
CA THR B 206 -26.51 -4.27 -16.10
C THR B 206 -26.50 -2.87 -15.50
N THR B 207 -27.66 -2.39 -15.08
CA THR B 207 -27.72 -1.12 -14.35
C THR B 207 -27.68 -1.44 -12.86
N VAL B 208 -26.74 -0.83 -12.15
CA VAL B 208 -26.57 -1.11 -10.74
C VAL B 208 -26.66 0.16 -9.91
N GLN B 209 -26.97 0.01 -8.63
CA GLN B 209 -26.86 1.16 -7.75
C GLN B 209 -26.34 0.73 -6.40
N GLY B 210 -25.75 1.67 -5.68
CA GLY B 210 -25.09 1.40 -4.42
C GLY B 210 -24.54 2.68 -3.85
N ARG B 211 -24.03 2.62 -2.63
CA ARG B 211 -23.61 3.85 -1.97
C ARG B 211 -22.13 4.10 -2.18
N LEU B 212 -21.79 5.37 -2.36
CA LEU B 212 -20.44 5.79 -2.72
C LEU B 212 -19.43 5.72 -1.58
N ILE B 213 -18.27 5.12 -1.87
CA ILE B 213 -17.16 5.12 -0.94
C ILE B 213 -15.85 4.94 -1.73
N GLY B 214 -14.77 5.56 -1.25
CA GLY B 214 -13.48 5.45 -1.92
C GLY B 214 -12.71 6.75 -1.76
N GLY B 215 -11.97 7.13 -2.80
CA GLY B 215 -11.22 8.38 -2.79
C GLY B 215 -9.95 8.23 -3.61
N CYS B 216 -8.90 8.94 -3.22
CA CYS B 216 -7.63 8.83 -3.94
C CYS B 216 -7.01 7.46 -3.63
N ILE B 217 -6.83 6.64 -4.65
CA ILE B 217 -6.44 5.24 -4.42
C ILE B 217 -5.06 5.13 -3.74
N GLU B 218 -4.11 6.00 -4.04
CA GLU B 218 -2.81 6.02 -3.33
C GLU B 218 -2.98 6.31 -1.84
N VAL B 219 -3.84 7.26 -1.53
CA VAL B 219 -4.02 7.75 -0.17
C VAL B 219 -4.81 6.78 0.71
N LEU B 220 -5.80 6.11 0.12
CA LEU B 220 -6.54 5.06 0.83
C LEU B 220 -5.60 4.00 1.38
N GLU B 221 -4.52 3.70 0.66
CA GLU B 221 -3.53 2.74 1.16
C GLU B 221 -3.02 3.16 2.53
N PHE B 222 -2.90 4.47 2.74
CA PHE B 222 -2.34 4.98 4.00
C PHE B 222 -3.17 4.53 5.20
N ALA B 223 -4.46 4.28 4.97
CA ALA B 223 -5.38 4.03 6.08
C ALA B 223 -5.65 2.54 6.30
N LYS B 224 -5.21 1.71 5.36
CA LYS B 224 -5.42 0.27 5.47
C LYS B 224 -4.76 -0.34 6.70
N GLY B 225 -5.52 -1.15 7.44
CA GLY B 225 -5.03 -1.79 8.64
C GLY B 225 -5.03 -0.89 9.87
N THR B 226 -5.48 0.36 9.70
CA THR B 226 -5.57 1.28 10.84
C THR B 226 -7.01 1.37 11.34
N GLU B 227 -7.13 1.91 12.44
CA GLU B 227 -8.46 2.15 12.98
C GLU B 227 -9.27 3.06 12.03
N LEU B 228 -8.76 3.75 11.20
CA LEU B 228 -9.42 4.71 10.32
C LEU B 228 -10.13 4.01 9.14
N TRP B 229 -9.81 2.74 8.92
CA TRP B 229 -10.37 2.02 7.80
C TRP B 229 -11.83 1.71 8.08
N PRO B 230 -12.72 2.06 7.15
CA PRO B 230 -14.16 1.87 7.36
C PRO B 230 -14.50 0.40 7.63
N GLU B 231 -15.48 0.18 8.51
CA GLU B 231 -15.93 -1.17 8.87
C GLU B 231 -16.52 -1.90 7.66
N LYS B 232 -16.51 -3.23 7.74
CA LYS B 232 -17.01 -4.15 6.72
C LYS B 232 -18.33 -3.75 6.10
N LYS B 233 -19.26 -3.31 6.94
CA LYS B 233 -20.62 -2.97 6.53
C LYS B 233 -20.68 -1.83 5.53
N HIS B 234 -19.68 -0.94 5.57
CA HIS B 234 -19.67 0.22 4.70
C HIS B 234 -19.32 -0.15 3.28
N TRP B 235 -18.75 -1.32 3.09
CA TRP B 235 -18.33 -1.76 1.76
C TRP B 235 -19.42 -2.60 1.06
N GLU B 236 -20.47 -2.96 1.80
CA GLU B 236 -21.52 -3.80 1.25
C GLU B 236 -22.33 -3.06 0.19
N ASP B 237 -22.47 -3.67 -0.99
CA ASP B 237 -23.27 -3.11 -2.08
C ASP B 237 -22.87 -1.65 -2.39
N SER B 238 -21.57 -1.40 -2.39
CA SER B 238 -21.07 -0.06 -2.55
C SER B 238 -20.83 0.29 -4.01
N ILE B 239 -20.81 1.59 -4.33
CA ILE B 239 -20.18 2.02 -5.56
C ILE B 239 -18.82 2.58 -5.17
N LEU B 240 -17.75 1.89 -5.58
CA LEU B 240 -16.39 2.34 -5.28
C LEU B 240 -15.99 3.45 -6.23
N PHE B 241 -15.39 4.52 -5.72
CA PHE B 241 -14.75 5.50 -6.60
C PHE B 241 -13.27 5.66 -6.30
N PHE B 242 -12.48 5.60 -7.37
CA PHE B 242 -11.04 5.73 -7.27
C PHE B 242 -10.53 6.77 -8.24
N GLU B 243 -9.48 7.48 -7.84
CA GLU B 243 -8.76 8.38 -8.75
C GLU B 243 -7.28 8.43 -8.33
N THR B 244 -6.42 8.73 -9.30
CA THR B 244 -4.97 8.68 -9.15
C THR B 244 -4.37 10.09 -9.10
N SER B 245 -3.23 10.24 -8.41
CA SER B 245 -2.72 11.57 -8.15
C SER B 245 -1.77 12.07 -9.22
N GLU B 246 -1.18 13.23 -8.96
CA GLU B 246 -0.24 13.87 -9.87
C GLU B 246 1.09 13.11 -9.90
N ASP B 247 1.27 12.18 -8.97
CA ASP B 247 2.50 11.40 -8.94
C ASP B 247 2.50 10.29 -9.99
N HIS B 248 1.38 10.12 -10.70
CA HIS B 248 1.26 9.13 -11.78
C HIS B 248 1.68 7.71 -11.33
N PRO B 249 0.97 7.15 -10.34
CA PRO B 249 1.39 5.83 -9.89
C PRO B 249 1.43 4.83 -11.04
N GLU B 250 2.48 4.04 -11.11
CA GLU B 250 2.66 3.06 -12.19
C GLU B 250 1.50 2.08 -12.24
N PRO B 251 1.14 1.63 -13.45
CA PRO B 251 0.02 0.69 -13.64
C PRO B 251 0.13 -0.55 -12.75
N SER B 252 1.34 -1.07 -12.57
N SER B 252 1.34 -1.07 -12.56
CA SER B 252 1.56 -2.23 -11.71
CA SER B 252 1.55 -2.23 -11.71
C SER B 252 1.03 -2.00 -10.29
C SER B 252 1.04 -2.01 -10.29
N TYR B 253 1.10 -0.77 -9.80
CA TYR B 253 0.61 -0.46 -8.45
C TYR B 253 -0.91 -0.44 -8.40
N ILE B 254 -1.53 0.02 -9.48
CA ILE B 254 -2.97 -0.01 -9.57
C ILE B 254 -3.44 -1.46 -9.43
N LYS B 255 -2.73 -2.36 -10.09
CA LYS B 255 -2.96 -3.80 -9.97
C LYS B 255 -2.78 -4.31 -8.54
N TYR B 256 -1.64 -3.99 -7.90
CA TYR B 256 -1.39 -4.46 -6.54
C TYR B 256 -2.46 -3.97 -5.57
N TRP B 257 -2.86 -2.71 -5.71
CA TRP B 257 -3.85 -2.12 -4.81
C TRP B 257 -5.23 -2.77 -4.98
N LEU B 258 -5.65 -2.96 -6.22
CA LEU B 258 -6.94 -3.62 -6.48
C LEU B 258 -6.92 -5.08 -6.04
N ARG B 259 -5.78 -5.76 -6.18
CA ARG B 259 -5.66 -7.13 -5.67
C ARG B 259 -5.91 -7.17 -4.16
N ASN B 260 -5.46 -6.13 -3.46
CA ASN B 260 -5.67 -6.07 -2.03
C ASN B 260 -7.14 -5.86 -1.70
N TYR B 261 -7.83 -5.05 -2.49
CA TYR B 261 -9.28 -4.90 -2.28
C TYR B 261 -9.97 -6.26 -2.43
N ALA B 262 -9.52 -7.06 -3.39
CA ALA B 262 -10.06 -8.41 -3.54
C ALA B 262 -9.68 -9.31 -2.36
N ALA B 263 -8.45 -9.18 -1.87
CA ALA B 263 -8.01 -9.96 -0.71
C ALA B 263 -8.78 -9.58 0.55
N GLN B 264 -9.33 -8.37 0.57
CA GLN B 264 -10.17 -7.91 1.66
C GLN B 264 -11.64 -8.30 1.46
N GLY B 265 -11.96 -8.75 0.25
CA GLY B 265 -13.33 -9.11 -0.09
C GLY B 265 -14.17 -7.91 -0.51
N ILE B 266 -13.51 -6.78 -0.76
CA ILE B 266 -14.24 -5.56 -1.05
C ILE B 266 -14.75 -5.54 -2.49
N LEU B 267 -13.94 -5.99 -3.44
CA LEU B 267 -14.35 -5.99 -4.84
C LEU B 267 -15.55 -6.91 -5.03
N GLN B 268 -15.61 -7.98 -4.24
CA GLN B 268 -16.69 -8.98 -4.36
C GLN B 268 -18.01 -8.49 -3.73
N LYS B 269 -17.93 -7.45 -2.91
CA LYS B 269 -19.11 -6.80 -2.30
C LYS B 269 -19.66 -5.66 -3.15
N ALA B 270 -18.85 -5.12 -4.04
CA ALA B 270 -19.20 -3.90 -4.76
C ALA B 270 -20.33 -4.15 -5.76
N LYS B 271 -21.14 -3.12 -5.97
CA LYS B 271 -22.14 -3.13 -7.04
C LYS B 271 -21.53 -2.60 -8.32
N GLY B 272 -20.53 -1.73 -8.19
CA GLY B 272 -19.87 -1.12 -9.33
C GLY B 272 -18.64 -0.33 -8.93
N ILE B 273 -17.85 0.08 -9.93
CA ILE B 273 -16.69 0.95 -9.71
C ILE B 273 -16.68 2.08 -10.73
N ILE B 274 -16.27 3.28 -10.30
CA ILE B 274 -16.03 4.38 -11.23
C ILE B 274 -14.61 4.92 -11.00
N PHE B 275 -13.96 5.34 -12.08
CA PHE B 275 -12.59 5.87 -12.03
C PHE B 275 -12.50 7.29 -12.56
N GLY B 276 -11.75 8.14 -11.86
CA GLY B 276 -11.53 9.50 -12.31
C GLY B 276 -10.50 9.54 -13.44
N LYS B 277 -10.60 10.56 -14.29
CA LYS B 277 -9.60 10.79 -15.34
C LYS B 277 -8.23 10.94 -14.67
N PRO B 278 -7.24 10.14 -15.11
CA PRO B 278 -5.89 10.27 -14.55
C PRO B 278 -5.31 11.66 -14.83
N LYS B 279 -4.43 12.15 -13.96
CA LYS B 279 -3.82 13.45 -14.22
C LYS B 279 -3.03 13.41 -15.54
N ASP B 280 -3.25 14.41 -16.39
CA ASP B 280 -2.63 14.51 -17.72
C ASP B 280 -3.01 13.32 -18.62
N GLU B 281 -3.96 12.53 -18.19
CA GLU B 281 -4.33 11.32 -18.88
C GLU B 281 -3.14 10.35 -19.01
N MSE B 282 -2.16 10.54 -18.18
CA MSE B 282 -1.08 9.62 -18.04
C MSE B 282 -1.52 8.22 -17.63
O MSE B 282 -2.28 8.05 -16.71
CB MSE B 282 -0.20 10.26 -17.03
CG MSE B 282 0.93 9.35 -16.71
SE MSE B 282 2.30 9.31 -18.11
CE MSE B 282 3.52 9.50 -16.60
N TYR B 283 -1.05 7.24 -18.39
CA TYR B 283 -1.42 5.84 -18.26
C TYR B 283 -2.86 5.56 -18.54
N TYR B 284 -3.51 6.41 -19.30
CA TYR B 284 -4.95 6.28 -19.56
C TYR B 284 -5.28 4.86 -20.04
N GLU B 285 -4.54 4.37 -21.03
CA GLU B 285 -4.79 3.03 -21.56
C GLU B 285 -4.27 1.90 -20.65
N GLU B 286 -3.10 2.10 -20.08
CA GLU B 286 -2.47 1.07 -19.27
C GLU B 286 -3.27 0.75 -18.01
N TYR B 287 -3.94 1.74 -17.44
CA TYR B 287 -4.75 1.51 -16.23
C TYR B 287 -5.93 0.59 -16.56
N LYS B 288 -6.60 0.83 -17.69
CA LYS B 288 -7.69 -0.04 -18.15
C LYS B 288 -7.27 -1.50 -18.17
N HIS B 289 -6.09 -1.76 -18.76
CA HIS B 289 -5.57 -3.12 -18.87
C HIS B 289 -5.44 -3.77 -17.49
N GLU B 290 -4.90 -3.03 -16.52
CA GLU B 290 -4.64 -3.60 -15.21
C GLU B 290 -5.95 -3.81 -14.46
N ILE B 291 -6.88 -2.87 -14.61
CA ILE B 291 -8.18 -2.99 -13.97
C ILE B 291 -8.89 -4.26 -14.48
N LEU B 292 -8.94 -4.43 -15.80
CA LEU B 292 -9.66 -5.55 -16.38
C LEU B 292 -8.98 -6.88 -16.07
N GLN B 293 -7.66 -6.86 -15.97
CA GLN B 293 -6.92 -8.07 -15.64
C GLN B 293 -7.25 -8.54 -14.22
N VAL B 294 -7.35 -7.60 -13.29
CA VAL B 294 -7.69 -7.95 -11.92
C VAL B 294 -9.12 -8.51 -11.85
N MSE B 295 -10.04 -7.89 -12.59
CA MSE B 295 -11.42 -8.39 -12.57
C MSE B 295 -11.45 -9.82 -13.11
O MSE B 295 -12.18 -10.67 -12.61
CB MSE B 295 -12.34 -7.49 -13.37
CG MSE B 295 -12.37 -6.06 -12.86
SE MSE B 295 -12.83 -5.97 -10.94
CE MSE B 295 -11.69 -4.41 -10.50
N LYS B 296 -10.63 -10.09 -14.13
CA LYS B 296 -10.55 -11.41 -14.73
C LYS B 296 -9.98 -12.44 -13.76
N GLU B 297 -8.92 -12.05 -13.04
CA GLU B 297 -8.27 -12.91 -12.05
C GLU B 297 -9.22 -13.37 -10.96
N HIS B 298 -10.25 -12.57 -10.67
CA HIS B 298 -11.13 -12.88 -9.54
C HIS B 298 -12.58 -13.15 -9.94
N ASN B 299 -12.79 -13.48 -11.22
N ASN B 299 -12.78 -13.47 -11.23
CA ASN B 299 -14.12 -13.82 -11.74
CA ASN B 299 -14.10 -13.80 -11.75
C ASN B 299 -15.15 -12.71 -11.50
C ASN B 299 -15.15 -12.71 -11.53
N LEU B 300 -14.77 -11.47 -11.82
CA LEU B 300 -15.65 -10.32 -11.63
C LEU B 300 -15.81 -9.52 -12.91
N GLU B 301 -15.85 -10.21 -14.04
CA GLU B 301 -15.94 -9.54 -15.33
C GLU B 301 -17.33 -8.96 -15.64
N ASP B 302 -18.30 -9.24 -14.78
CA ASP B 302 -19.65 -8.68 -14.96
C ASP B 302 -19.87 -7.39 -14.15
N LEU B 303 -18.91 -7.05 -13.30
CA LEU B 303 -19.02 -5.86 -12.45
C LEU B 303 -18.95 -4.57 -13.27
N PRO B 304 -20.02 -3.76 -13.25
CA PRO B 304 -19.99 -2.48 -13.98
C PRO B 304 -18.85 -1.55 -13.54
N ILE B 305 -18.01 -1.17 -14.50
CA ILE B 305 -16.92 -0.23 -14.27
C ILE B 305 -16.99 0.91 -15.27
N LEU B 306 -17.11 2.13 -14.75
CA LEU B 306 -17.16 3.33 -15.55
C LEU B 306 -15.84 4.08 -15.45
N TYR B 307 -15.34 4.56 -16.58
CA TYR B 307 -14.01 5.14 -16.62
C TYR B 307 -14.07 6.56 -17.20
N ASN B 308 -13.05 7.37 -16.87
CA ASN B 308 -12.87 8.73 -17.38
C ASN B 308 -13.88 9.76 -16.86
N LEU B 309 -14.23 9.67 -15.57
CA LEU B 309 -15.14 10.67 -14.99
C LEU B 309 -14.36 11.92 -14.57
N ASN B 310 -15.07 13.04 -14.43
CA ASN B 310 -14.45 14.30 -14.01
C ASN B 310 -14.48 14.48 -12.49
N PHE B 311 -13.79 13.59 -11.77
CA PHE B 311 -13.45 13.84 -10.37
C PHE B 311 -11.99 13.43 -10.22
N GLY B 312 -11.32 13.97 -9.22
CA GLY B 312 -9.90 13.67 -9.07
C GLY B 312 -8.96 14.81 -9.44
N HIS B 313 -7.81 14.46 -10.01
CA HIS B 313 -6.74 15.43 -10.17
C HIS B 313 -6.71 16.14 -11.52
N THR B 314 -7.87 16.35 -12.11
CA THR B 314 -7.99 17.21 -13.26
C THR B 314 -9.15 18.15 -12.99
N GLU B 315 -9.18 19.26 -13.72
CA GLU B 315 -10.25 20.22 -13.62
C GLU B 315 -11.00 20.27 -14.94
N PRO B 316 -12.32 20.52 -14.90
CA PRO B 316 -13.15 20.78 -13.73
C PRO B 316 -13.62 19.48 -13.07
N LYS B 317 -14.40 19.57 -12.01
CA LYS B 317 -14.85 18.34 -11.35
C LYS B 317 -16.25 18.44 -10.77
N PHE B 318 -16.88 17.30 -10.57
CA PHE B 318 -18.13 17.28 -9.83
C PHE B 318 -17.84 16.81 -8.42
N ILE B 319 -18.89 16.65 -7.63
CA ILE B 319 -18.73 16.34 -6.22
C ILE B 319 -19.40 15.02 -5.87
N LEU B 320 -18.71 14.22 -5.08
CA LEU B 320 -19.20 12.93 -4.64
C LEU B 320 -19.42 12.92 -3.13
N PRO B 321 -20.69 12.90 -2.71
CA PRO B 321 -21.01 12.75 -1.28
C PRO B 321 -20.81 11.30 -0.82
N TYR B 322 -19.96 11.09 0.18
CA TYR B 322 -19.75 9.75 0.69
C TYR B 322 -21.08 9.14 1.16
N GLY B 323 -21.32 7.90 0.81
CA GLY B 323 -22.50 7.21 1.31
C GLY B 323 -23.78 7.48 0.55
N SER B 324 -23.76 8.40 -0.41
CA SER B 324 -24.99 8.68 -1.15
C SER B 324 -25.22 7.59 -2.21
N MSE B 325 -26.49 7.30 -2.48
CA MSE B 325 -26.85 6.30 -3.48
C MSE B 325 -26.51 6.81 -4.88
O MSE B 325 -26.87 7.91 -5.26
CB MSE B 325 -28.35 5.96 -3.38
CG MSE B 325 -28.77 4.76 -4.21
SE MSE B 325 -28.12 3.04 -3.52
CE MSE B 325 -28.88 3.11 -1.72
N ALA B 326 -25.78 5.99 -5.63
CA ALA B 326 -25.37 6.35 -6.98
C ALA B 326 -25.73 5.23 -7.94
N GLU B 327 -25.78 5.57 -9.23
CA GLU B 327 -26.16 4.60 -10.25
C GLU B 327 -25.23 4.61 -11.47
N ILE B 328 -24.86 3.42 -11.92
CA ILE B 328 -24.14 3.25 -13.18
C ILE B 328 -25.10 2.61 -14.19
N ASP B 329 -25.39 3.31 -15.28
CA ASP B 329 -26.28 2.78 -16.31
C ASP B 329 -25.48 2.31 -17.52
N CYS B 330 -25.28 1.00 -17.65
CA CYS B 330 -24.37 0.48 -18.67
C CYS B 330 -24.86 0.57 -20.12
N GLU B 331 -26.18 0.55 -20.30
CA GLU B 331 -26.81 0.55 -21.62
C GLU B 331 -26.81 1.93 -22.26
N ASN B 332 -26.37 2.86 -21.45
CA ASN B 332 -26.49 4.26 -21.63
C ASN B 332 -25.23 5.02 -21.26
N GLY B 333 -24.39 4.34 -20.49
CA GLY B 333 -23.03 4.83 -20.26
C GLY B 333 -23.02 6.06 -19.36
N SER B 334 -23.97 6.09 -18.45
CA SER B 334 -24.18 7.26 -17.64
C SER B 334 -24.00 6.97 -16.16
N PHE B 335 -23.84 8.05 -15.41
CA PHE B 335 -23.63 7.98 -14.00
C PHE B 335 -24.52 9.03 -13.35
N SER B 336 -25.20 8.63 -12.27
CA SER B 336 -26.12 9.49 -11.57
C SER B 336 -25.92 9.39 -10.10
N ILE B 337 -26.30 10.45 -9.40
CA ILE B 337 -26.41 10.40 -7.95
C ILE B 337 -27.88 10.58 -7.61
N LEU B 338 -28.47 9.54 -7.03
CA LEU B 338 -29.92 9.46 -6.84
C LEU B 338 -30.40 9.97 -5.49
N GLU B 339 -29.72 10.98 -4.97
CA GLU B 339 -30.25 11.72 -3.82
C GLU B 339 -29.60 13.09 -3.74
N SER B 340 -30.00 13.88 -2.75
CA SER B 340 -29.40 15.20 -2.57
C SER B 340 -28.10 15.10 -1.76
N GLY B 341 -27.18 16.04 -2.00
CA GLY B 341 -25.94 16.08 -1.24
C GLY B 341 -26.16 16.52 0.19
N VAL B 342 -27.14 17.40 0.40
CA VAL B 342 -27.39 18.06 1.69
C VAL B 342 -28.88 18.01 2.06
N GLU B 343 -29.20 18.18 3.34
CA GLU B 343 -30.60 18.10 3.80
C GLU B 343 -31.35 19.43 3.62
C1 GOL C . 1.77 25.57 -8.60
O1 GOL C . 2.74 25.69 -7.59
C2 GOL C . 1.28 24.13 -8.80
O2 GOL C . 0.22 24.15 -9.72
C3 GOL C . 0.85 23.44 -7.50
O3 GOL C . 1.82 23.60 -6.49
#